data_2ZXG
#
_entry.id   2ZXG
#
_cell.length_a   120.7
_cell.length_b   120.7
_cell.length_c   171.0
_cell.angle_alpha   90.00
_cell.angle_beta   90.00
_cell.angle_gamma   120.00
#
_symmetry.space_group_name_H-M   'P 31 2 1'
#
loop_
_entity.id
_entity.type
_entity.pdbx_description
1 polymer 'Aminopeptidase N'
2 non-polymer 'ZINC ION'
3 non-polymer N-{(2S)-3-[(1R)-1-aminoethyl](hydroxy)phosphoryl-2-benzylpropanoyl}-L-phenylalanine
4 non-polymer 'SULFATE ION'
5 non-polymer GLYCEROL
6 water water
#
_entity_poly.entity_id   1
_entity_poly.type   'polypeptide(L)'
_entity_poly.pdbx_seq_one_letter_code
;MTQQPQAKYRHDYRAPDYQITDIDLTFDLDAQKTVVTAVSQAVRHGASDAPLRLNGEDLKLVSVHINDEPWTAWKEEEGA
LVISNLPERFTLKIINEISPAANTALEGLYQSGDALCTQCEAEGFRHITYYLDRPDVLARFTTKIIADKIKYPFLLSNGN
RVAQGELENGRHWVQWQDPFPKPCYLFALVAGDFDVLRDTFTTRSGREVALELYVDRGNLDRAPWAMTSLKNSMKWDEER
FGLEYDLDIYMIVAVDFFNMGAMENKGLNIFNSKYVLARTDTATDKDYLDIERVIGHEYFHNWTGNRVTCRDWFQLSLKE
GLTVFRDQEFSSDLGSRAVNRINNVRTMRGLQFAEDASPMAHPIRPDMVIEMNNFYTLTVYEKGAEVIRMIHTLLGEENF
QKGMQLYFERHDGSAATCDDFVQAMEDASNVDLSHFRRWYSQSGTPIVTVKDDYNPETEQYTLTISQRTPATPDQAEKQP
LHIPFAIELYDNEGKVIPLQKGGHPVNSVLNVTQAEQTFVFDNVYFQPVPALLCEFSAPVKLEYKWSDQQLTFLMRHARN
DFSRWDAAQSLLATYIKLNVARHQQGQPLSLPVHVADAFRAVLLDEKIDPALAAEILTLPSVNEMAELFDIIDPIAIAEV
REALTRTLATELADELLAIYNANYQSEYRVEHEDIAKRTLRNACLRFLAFGETHLADVLVSKQFHEANNMTDALAALSAA
VAAQLPCRDALMQEYDDKWHQNGLVMDKWFILQATSPAANVLETVRGLLQHRSFTMSNPNRIRSLIGAFAGSNPAAFHAE
DGSGYLFLVEMLTDLNSRNPQVASRLIEPLIRLKRYDAKRQEKMRAALEQLKGLENLSGDLYEKITKALA
;
_entity_poly.pdbx_strand_id   A
#
loop_
_chem_comp.id
_chem_comp.type
_chem_comp.name
_chem_comp.formula
GOL non-polymer GLYCEROL 'C3 H8 O3'
S23 non-polymer N-{(2S)-3-[(1R)-1-aminoethyl](hydroxy)phosphoryl-2-benzylpropanoyl}-L-phenylalanine 'C21 H27 N2 O5 P'
SO4 non-polymer 'SULFATE ION' 'O4 S -2'
ZN non-polymer 'ZINC ION' 'Zn 2'
#
# COMPACT_ATOMS: atom_id res chain seq x y z
N PRO A 5 2.71 9.80 -25.02
CA PRO A 5 4.06 9.25 -25.00
C PRO A 5 4.07 7.76 -25.33
N GLN A 6 5.20 7.28 -25.80
CA GLN A 6 5.34 5.89 -26.15
C GLN A 6 5.65 5.08 -24.90
N ALA A 7 5.31 3.80 -24.96
CA ALA A 7 5.70 2.88 -23.92
C ALA A 7 7.22 2.70 -23.89
N LYS A 8 7.74 2.49 -22.68
CA LYS A 8 9.13 2.17 -22.46
C LYS A 8 9.23 0.72 -21.99
N TYR A 9 10.32 0.07 -22.38
CA TYR A 9 10.48 -1.37 -22.17
C TYR A 9 11.71 -1.72 -21.36
N ARG A 10 11.52 -2.63 -20.43
CA ARG A 10 12.60 -3.09 -19.57
C ARG A 10 13.79 -3.60 -20.36
N HIS A 11 13.52 -4.29 -21.48
CA HIS A 11 14.60 -4.85 -22.27
C HIS A 11 15.45 -3.81 -22.98
N ASP A 12 15.01 -2.55 -22.96
CA ASP A 12 15.79 -1.46 -23.57
C ASP A 12 16.78 -0.79 -22.64
N TYR A 13 16.92 -1.28 -21.41
CA TYR A 13 17.85 -0.65 -20.48
C TYR A 13 19.23 -0.50 -21.07
N ARG A 14 19.79 0.70 -20.96
CA ARG A 14 21.17 0.97 -21.35
C ARG A 14 21.80 1.90 -20.33
N ALA A 15 23.04 1.60 -19.94
CA ALA A 15 23.80 2.46 -19.01
C ALA A 15 23.87 3.90 -19.54
N PRO A 16 23.86 4.89 -18.63
CA PRO A 16 23.84 6.29 -19.09
C PRO A 16 25.13 6.72 -19.79
N ASP A 17 24.98 7.54 -20.83
CA ASP A 17 26.13 8.09 -21.55
C ASP A 17 26.93 9.05 -20.66
N TYR A 18 26.25 9.69 -19.71
CA TYR A 18 26.89 10.59 -18.76
C TYR A 18 26.42 10.29 -17.37
N GLN A 19 27.34 10.45 -16.42
CA GLN A 19 27.02 10.48 -14.99
C GLN A 19 27.18 11.90 -14.46
N ILE A 20 26.42 12.22 -13.42
CA ILE A 20 26.65 13.44 -12.63
C ILE A 20 27.03 12.97 -11.24
N THR A 21 28.20 13.39 -10.78
CA THR A 21 28.77 12.89 -9.52
C THR A 21 28.43 13.79 -8.35
N ASP A 22 28.19 15.07 -8.63
CA ASP A 22 28.00 16.08 -7.61
C ASP A 22 27.10 17.15 -8.18
N ILE A 23 26.16 17.63 -7.38
CA ILE A 23 25.29 18.74 -7.81
C ILE A 23 25.11 19.72 -6.68
N ASP A 24 25.33 21.00 -7.01
CA ASP A 24 25.12 22.09 -6.07
CA ASP A 24 25.10 22.08 -6.07
C ASP A 24 23.89 22.86 -6.52
N LEU A 25 22.85 22.84 -5.72
CA LEU A 25 21.61 23.53 -6.05
C LEU A 25 21.45 24.79 -5.26
N THR A 26 20.93 25.82 -5.90
CA THR A 26 20.48 27.02 -5.20
C THR A 26 19.03 27.28 -5.59
N PHE A 27 18.18 27.47 -4.59
CA PHE A 27 16.80 27.86 -4.82
C PHE A 27 16.55 29.26 -4.29
N ASP A 28 16.21 30.17 -5.19
CA ASP A 28 15.69 31.45 -4.76
CA ASP A 28 15.68 31.47 -4.78
C ASP A 28 14.17 31.26 -4.72
N LEU A 29 13.68 30.95 -3.52
CA LEU A 29 12.31 30.48 -3.33
C LEU A 29 11.27 31.56 -3.30
N ASP A 30 10.20 31.33 -4.03
CA ASP A 30 9.01 32.16 -3.99
C ASP A 30 7.87 31.34 -4.58
N ALA A 31 6.67 31.45 -4.02
CA ALA A 31 5.56 30.62 -4.49
C ALA A 31 5.19 30.88 -5.95
N GLN A 32 5.31 32.13 -6.41
CA GLN A 32 4.97 32.46 -7.80
C GLN A 32 6.09 32.16 -8.78
N LYS A 33 7.32 32.48 -8.39
CA LYS A 33 8.47 32.30 -9.28
C LYS A 33 9.69 31.91 -8.47
N THR A 34 10.07 30.64 -8.59
CA THR A 34 11.28 30.14 -7.96
C THR A 34 12.37 30.03 -9.01
N VAL A 35 13.55 30.52 -8.68
CA VAL A 35 14.71 30.44 -9.58
C VAL A 35 15.64 29.38 -9.06
N VAL A 36 15.92 28.40 -9.92
CA VAL A 36 16.78 27.28 -9.58
C VAL A 36 18.10 27.45 -10.33
N THR A 37 19.21 27.40 -9.60
CA THR A 37 20.53 27.35 -10.21
C THR A 37 21.14 26.00 -9.85
N ALA A 38 21.54 25.23 -10.85
CA ALA A 38 22.03 23.88 -10.63
C ALA A 38 23.41 23.73 -11.26
N VAL A 39 24.40 23.44 -10.44
CA VAL A 39 25.78 23.31 -10.91
C VAL A 39 26.18 21.84 -10.75
N SER A 40 26.29 21.12 -11.87
CA SER A 40 26.55 19.66 -11.87
C SER A 40 27.94 19.34 -12.39
N GLN A 41 28.63 18.42 -11.72
CA GLN A 41 29.91 17.91 -12.22
C GLN A 41 29.61 16.64 -12.98
N ALA A 42 29.83 16.68 -14.29
CA ALA A 42 29.46 15.60 -15.20
C ALA A 42 30.68 14.85 -15.72
N VAL A 43 30.50 13.56 -15.99
CA VAL A 43 31.56 12.68 -16.50
C VAL A 43 30.96 11.79 -17.58
N ARG A 44 31.55 11.84 -18.77
CA ARG A 44 31.09 11.00 -19.88
C ARG A 44 31.57 9.57 -19.71
N HIS A 45 30.65 8.63 -19.87
CA HIS A 45 30.96 7.20 -19.86
C HIS A 45 30.78 6.57 -21.24
N GLY A 46 29.88 7.14 -22.05
CA GLY A 46 29.56 6.62 -23.37
C GLY A 46 30.45 7.14 -24.48
N ALA A 47 29.96 7.06 -25.71
CA ALA A 47 30.73 7.45 -26.89
C ALA A 47 31.08 8.92 -26.84
N SER A 48 32.27 9.26 -27.33
CA SER A 48 32.74 10.64 -27.22
C SER A 48 31.90 11.65 -28.01
N ASP A 49 31.15 11.19 -29.00
CA ASP A 49 30.24 12.04 -29.78
C ASP A 49 28.80 12.08 -29.22
N ALA A 50 28.58 11.44 -28.08
CA ALA A 50 27.23 11.37 -27.53
C ALA A 50 26.82 12.71 -26.91
N PRO A 51 25.60 13.19 -27.23
CA PRO A 51 25.15 14.39 -26.53
C PRO A 51 24.65 14.04 -25.14
N LEU A 52 24.63 15.05 -24.28
CA LEU A 52 24.03 14.93 -22.96
C LEU A 52 22.55 15.24 -23.10
N ARG A 53 21.70 14.29 -22.71
CA ARG A 53 20.24 14.44 -22.82
C ARG A 53 19.68 14.59 -21.41
N LEU A 54 19.20 15.78 -21.10
CA LEU A 54 18.63 16.08 -19.78
C LEU A 54 17.12 16.10 -19.87
N ASN A 55 16.46 15.49 -18.89
CA ASN A 55 14.99 15.51 -18.79
C ASN A 55 14.53 16.82 -18.17
N GLY A 56 13.44 17.37 -18.69
CA GLY A 56 12.84 18.55 -18.07
C GLY A 56 11.38 18.66 -18.45
N GLU A 57 10.57 19.07 -17.48
CA GLU A 57 9.13 19.26 -17.72
C GLU A 57 8.67 20.57 -17.10
N ASP A 58 8.06 21.41 -17.93
CA ASP A 58 7.46 22.67 -17.50
CA ASP A 58 7.45 22.67 -17.49
C ASP A 58 8.47 23.57 -16.79
N LEU A 59 9.61 23.76 -17.46
CA LEU A 59 10.69 24.62 -16.97
C LEU A 59 10.84 25.83 -17.87
N LYS A 60 11.19 26.97 -17.30
CA LYS A 60 11.55 28.13 -18.10
C LYS A 60 13.06 28.27 -18.04
N LEU A 61 13.73 27.87 -19.13
CA LEU A 61 15.18 27.90 -19.19
C LEU A 61 15.67 29.34 -19.26
N VAL A 62 16.62 29.68 -18.38
CA VAL A 62 17.24 31.01 -18.35
C VAL A 62 18.61 30.99 -19.01
N SER A 63 19.44 30.02 -18.67
CA SER A 63 20.78 29.95 -19.28
C SER A 63 21.42 28.59 -19.10
N VAL A 64 22.40 28.32 -19.97
CA VAL A 64 23.18 27.11 -19.96
C VAL A 64 24.67 27.49 -20.09
N HIS A 65 25.50 27.07 -19.14
CA HIS A 65 26.96 27.26 -19.24
C HIS A 65 27.68 25.94 -19.05
N ILE A 66 28.81 25.79 -19.73
CA ILE A 66 29.69 24.65 -19.55
C ILE A 66 31.03 25.25 -19.15
N ASN A 67 31.50 24.90 -17.95
CA ASN A 67 32.72 25.50 -17.40
C ASN A 67 32.67 27.04 -17.45
N ASP A 68 31.50 27.57 -17.10
CA ASP A 68 31.22 29.02 -17.10
C ASP A 68 31.13 29.68 -18.48
N GLU A 69 31.31 28.90 -19.55
CA GLU A 69 31.16 29.40 -20.91
C GLU A 69 29.69 29.29 -21.35
N PRO A 70 29.06 30.42 -21.74
CA PRO A 70 27.70 30.34 -22.29
C PRO A 70 27.68 29.36 -23.46
N TRP A 71 26.79 28.36 -23.40
CA TRP A 71 26.82 27.27 -24.38
C TRP A 71 25.86 27.51 -25.52
N THR A 72 26.34 27.36 -26.75
CA THR A 72 25.53 27.58 -27.94
C THR A 72 25.09 26.27 -28.62
N ALA A 73 25.75 25.17 -28.26
CA ALA A 73 25.46 23.86 -28.88
C ALA A 73 24.43 23.07 -28.06
N TRP A 74 23.20 23.56 -28.06
CA TRP A 74 22.10 22.86 -27.37
C TRP A 74 20.78 23.11 -28.07
N LYS A 75 19.82 22.22 -27.84
CA LYS A 75 18.47 22.42 -28.33
C LYS A 75 17.48 21.87 -27.30
N GLU A 76 16.37 22.58 -27.13
CA GLU A 76 15.25 22.07 -26.35
C GLU A 76 14.32 21.30 -27.28
N GLU A 77 13.86 20.15 -26.79
CA GLU A 77 12.86 19.35 -27.50
CA GLU A 77 12.88 19.34 -27.49
C GLU A 77 11.82 18.90 -26.49
N GLU A 78 10.80 18.18 -26.95
CA GLU A 78 9.77 17.73 -26.03
C GLU A 78 10.37 16.97 -24.84
N GLY A 79 10.19 17.51 -23.65
CA GLY A 79 10.63 16.87 -22.42
C GLY A 79 12.13 16.85 -22.18
N ALA A 80 12.90 17.61 -22.97
CA ALA A 80 14.35 17.45 -22.93
C ALA A 80 15.16 18.70 -23.31
N LEU A 81 16.38 18.74 -22.80
CA LEU A 81 17.40 19.68 -23.23
C LEU A 81 18.58 18.83 -23.68
N VAL A 82 18.95 18.96 -24.95
CA VAL A 82 19.99 18.11 -25.52
C VAL A 82 21.20 18.97 -25.77
N ILE A 83 22.32 18.62 -25.14
CA ILE A 83 23.55 19.42 -25.15
C ILE A 83 24.64 18.67 -25.90
N SER A 84 25.15 19.28 -26.97
CA SER A 84 26.13 18.62 -27.85
C SER A 84 27.55 19.10 -27.65
N ASN A 85 28.49 18.29 -28.13
CA ASN A 85 29.89 18.67 -28.33
C ASN A 85 30.60 19.01 -27.03
N LEU A 86 30.50 18.10 -26.07
CA LEU A 86 30.99 18.32 -24.72
C LEU A 86 32.36 17.69 -24.45
N PRO A 87 33.11 18.26 -23.48
CA PRO A 87 34.31 17.63 -22.97
C PRO A 87 33.95 16.32 -22.25
N GLU A 88 34.96 15.53 -21.93
CA GLU A 88 34.74 14.27 -21.20
C GLU A 88 34.31 14.54 -19.76
N ARG A 89 34.83 15.60 -19.16
CA ARG A 89 34.51 15.99 -17.79
C ARG A 89 34.32 17.49 -17.77
N PHE A 90 33.25 17.96 -17.12
CA PHE A 90 32.90 19.38 -17.17
C PHE A 90 31.91 19.76 -16.09
N THR A 91 31.80 21.07 -15.86
CA THR A 91 30.82 21.64 -14.96
C THR A 91 29.67 22.21 -15.77
N LEU A 92 28.48 21.63 -15.58
CA LEU A 92 27.25 22.13 -16.21
C LEU A 92 26.55 23.08 -15.26
N LYS A 93 26.19 24.27 -15.75
CA LYS A 93 25.38 25.17 -14.96
C LYS A 93 24.08 25.48 -15.69
N ILE A 94 22.95 25.13 -15.08
CA ILE A 94 21.62 25.45 -15.60
C ILE A 94 20.94 26.43 -14.65
N ILE A 95 20.36 27.49 -15.19
CA ILE A 95 19.43 28.34 -14.44
C ILE A 95 18.08 28.24 -15.11
N ASN A 96 17.04 27.98 -14.31
CA ASN A 96 15.69 27.91 -14.84
C ASN A 96 14.67 28.37 -13.80
N GLU A 97 13.46 28.67 -14.25
CA GLU A 97 12.40 29.11 -13.35
C GLU A 97 11.28 28.07 -13.32
N ILE A 98 10.60 28.00 -12.18
CA ILE A 98 9.42 27.15 -11.99
C ILE A 98 8.43 27.94 -11.14
N SER A 99 7.18 27.48 -11.08
CA SER A 99 6.12 28.20 -10.36
C SER A 99 5.36 27.27 -9.42
N PRO A 100 5.82 27.15 -8.18
CA PRO A 100 5.20 26.23 -7.22
C PRO A 100 3.69 26.42 -7.06
N ALA A 101 3.23 27.68 -7.04
CA ALA A 101 1.80 27.97 -6.86
C ALA A 101 0.93 27.38 -7.95
N ALA A 102 1.49 27.23 -9.17
CA ALA A 102 0.75 26.72 -10.34
C ALA A 102 0.76 25.20 -10.44
N ASN A 103 1.47 24.56 -9.51
CA ASN A 103 1.69 23.12 -9.57
C ASN A 103 0.57 22.37 -8.86
N THR A 104 -0.55 22.17 -9.55
CA THR A 104 -1.70 21.47 -8.96
C THR A 104 -1.53 19.95 -8.97
N ALA A 105 -0.61 19.46 -9.80
CA ALA A 105 -0.33 18.02 -9.89
C ALA A 105 0.43 17.47 -8.69
N LEU A 106 1.04 18.36 -7.91
CA LEU A 106 1.80 17.98 -6.71
C LEU A 106 2.97 17.05 -7.04
N GLU A 107 3.65 17.39 -8.14
CA GLU A 107 4.81 16.66 -8.67
C GLU A 107 5.92 17.69 -8.91
N GLY A 108 7.05 17.52 -8.23
CA GLY A 108 8.13 18.53 -8.26
C GLY A 108 8.01 19.41 -7.02
N LEU A 109 8.25 20.72 -7.18
CA LEU A 109 8.12 21.68 -6.08
C LEU A 109 6.75 22.34 -6.13
N TYR A 110 6.02 22.27 -5.03
CA TYR A 110 4.66 22.77 -5.01
C TYR A 110 4.26 23.36 -3.66
N GLN A 111 3.05 23.88 -3.57
CA GLN A 111 2.55 24.51 -2.36
C GLN A 111 1.61 23.57 -1.63
N SER A 112 1.84 23.39 -0.33
CA SER A 112 0.93 22.63 0.53
C SER A 112 0.48 23.58 1.63
N GLY A 113 -0.74 24.12 1.48
CA GLY A 113 -1.16 25.22 2.36
C GLY A 113 -0.22 26.41 2.18
N ASP A 114 0.40 26.84 3.26
CA ASP A 114 1.39 27.94 3.19
C ASP A 114 2.83 27.46 2.99
N ALA A 115 3.03 26.15 3.11
CA ALA A 115 4.35 25.58 2.97
C ALA A 115 4.70 25.30 1.50
N LEU A 116 6.00 25.26 1.22
CA LEU A 116 6.49 24.72 -0.06
C LEU A 116 7.17 23.40 0.23
N CYS A 117 6.93 22.40 -0.63
CA CYS A 117 7.52 21.09 -0.43
C CYS A 117 7.64 20.39 -1.76
N THR A 118 8.35 19.26 -1.76
CA THR A 118 8.63 18.55 -3.01
C THR A 118 8.09 17.13 -2.95
N GLN A 119 7.83 16.60 -4.14
CA GLN A 119 7.72 15.16 -4.33
C GLN A 119 8.43 14.83 -5.63
N CYS A 120 9.47 14.00 -5.54
CA CYS A 120 10.30 13.72 -6.72
C CYS A 120 10.21 12.30 -7.25
N GLU A 121 9.67 11.37 -6.47
CA GLU A 121 9.52 10.00 -7.02
C GLU A 121 8.21 9.92 -7.82
N ALA A 122 8.20 9.31 -9.02
CA ALA A 122 9.35 8.70 -9.67
C ALA A 122 10.21 9.69 -10.46
N GLU A 123 9.55 10.57 -11.21
CA GLU A 123 10.23 11.44 -12.17
C GLU A 123 9.82 12.90 -11.97
N GLY A 124 9.80 13.30 -10.70
CA GLY A 124 9.41 14.65 -10.35
C GLY A 124 10.55 15.66 -10.36
N PHE A 125 11.78 15.21 -10.21
CA PHE A 125 12.91 16.17 -10.16
C PHE A 125 13.05 16.91 -11.49
N ARG A 126 12.70 16.27 -12.59
CA ARG A 126 12.76 16.94 -13.89
C ARG A 126 11.75 18.10 -14.00
N HIS A 127 10.80 18.19 -13.06
CA HIS A 127 9.88 19.33 -12.99
C HIS A 127 10.48 20.49 -12.19
N ILE A 128 11.69 20.27 -11.66
CA ILE A 128 12.42 21.29 -10.89
C ILE A 128 13.58 21.87 -11.71
N THR A 129 14.35 21.02 -12.37
CA THR A 129 15.45 21.48 -13.23
C THR A 129 15.75 20.44 -14.30
N TYR A 130 16.53 20.82 -15.32
CA TYR A 130 16.95 19.85 -16.33
C TYR A 130 18.01 18.93 -15.74
N TYR A 131 17.76 17.62 -15.75
CA TYR A 131 18.66 16.71 -15.04
C TYR A 131 18.63 15.31 -15.63
N LEU A 132 19.60 14.47 -15.24
CA LEU A 132 19.56 13.04 -15.53
C LEU A 132 18.61 12.36 -14.53
N ASP A 133 17.32 12.49 -14.82
CA ASP A 133 16.26 12.05 -13.91
C ASP A 133 15.99 10.55 -14.11
N ARG A 134 16.98 9.76 -13.68
CA ARG A 134 16.99 8.31 -13.79
C ARG A 134 17.76 7.78 -12.57
N PRO A 135 17.24 6.72 -11.92
CA PRO A 135 17.75 6.34 -10.61
C PRO A 135 19.11 5.64 -10.55
N ASP A 136 19.70 5.37 -11.72
CA ASP A 136 21.06 4.84 -11.79
C ASP A 136 22.13 5.93 -11.88
N VAL A 137 21.70 7.19 -11.84
CA VAL A 137 22.63 8.32 -11.74
C VAL A 137 22.62 8.79 -10.29
N LEU A 138 23.74 8.60 -9.59
CA LEU A 138 23.86 8.87 -8.16
C LEU A 138 24.84 10.02 -7.92
N ALA A 139 24.34 11.11 -7.36
CA ALA A 139 25.14 12.34 -7.18
C ALA A 139 25.12 12.76 -5.72
N ARG A 140 26.21 13.41 -5.29
CA ARG A 140 26.25 14.06 -3.98
C ARG A 140 25.65 15.46 -4.06
N PHE A 141 24.57 15.69 -3.33
CA PHE A 141 23.85 16.97 -3.37
C PHE A 141 24.29 17.92 -2.26
N THR A 142 24.41 19.19 -2.62
CA THR A 142 24.45 20.29 -1.67
C THR A 142 23.35 21.25 -2.09
N THR A 143 22.53 21.70 -1.14
CA THR A 143 21.34 22.49 -1.46
C THR A 143 21.28 23.77 -0.66
N LYS A 144 21.32 24.91 -1.35
CA LYS A 144 21.20 26.22 -0.71
C LYS A 144 19.81 26.76 -0.97
N ILE A 145 19.13 27.17 0.09
CA ILE A 145 17.76 27.64 0.00
C ILE A 145 17.71 29.08 0.48
N ILE A 146 17.15 29.97 -0.35
CA ILE A 146 17.05 31.38 -0.01
C ILE A 146 15.59 31.77 -0.04
N ALA A 147 15.10 32.40 1.02
CA ALA A 147 13.66 32.69 1.12
C ALA A 147 13.33 33.79 2.12
N ASP A 148 12.12 34.32 2.00
CA ASP A 148 11.57 35.26 2.98
C ASP A 148 11.57 34.61 4.34
N LYS A 149 12.19 35.28 5.32
CA LYS A 149 12.32 34.72 6.66
C LYS A 149 11.00 34.61 7.41
N ILE A 150 10.12 35.59 7.26
CA ILE A 150 8.85 35.57 7.98
C ILE A 150 7.94 34.44 7.47
N LYS A 151 7.88 34.29 6.15
CA LYS A 151 7.01 33.30 5.54
C LYS A 151 7.62 31.90 5.64
N TYR A 152 8.94 31.82 5.54
CA TYR A 152 9.63 30.53 5.53
C TYR A 152 10.78 30.48 6.53
N PRO A 153 10.45 30.49 7.83
CA PRO A 153 11.52 30.45 8.84
C PRO A 153 12.31 29.15 8.89
N PHE A 154 11.70 28.04 8.45
CA PHE A 154 12.40 26.76 8.35
C PHE A 154 12.64 26.45 6.88
N LEU A 155 13.91 26.23 6.56
CA LEU A 155 14.37 25.85 5.21
C LEU A 155 15.14 24.55 5.32
N LEU A 156 14.54 23.46 4.82
CA LEU A 156 15.07 22.12 5.01
C LEU A 156 15.39 21.44 3.69
N SER A 157 16.50 20.71 3.67
CA SER A 157 16.77 19.75 2.58
C SER A 157 17.52 18.55 3.16
N ASN A 158 17.90 17.58 2.32
CA ASN A 158 18.53 16.37 2.81
C ASN A 158 19.87 16.63 3.49
N GLY A 159 20.14 15.90 4.57
CA GLY A 159 21.47 15.84 5.17
C GLY A 159 21.65 16.80 6.33
N ASN A 160 22.81 17.45 6.35
CA ASN A 160 23.25 18.27 7.50
C ASN A 160 23.32 19.73 7.13
N ARG A 161 22.98 20.61 8.07
CA ARG A 161 23.17 22.06 7.84
C ARG A 161 24.64 22.40 7.87
N VAL A 162 25.16 22.96 6.78
CA VAL A 162 26.59 23.28 6.71
C VAL A 162 26.91 24.78 6.58
N ALA A 163 25.88 25.58 6.31
CA ALA A 163 26.05 27.04 6.21
C ALA A 163 24.70 27.68 6.41
N GLN A 164 24.72 28.95 6.81
CA GLN A 164 23.51 29.71 6.99
C GLN A 164 23.85 31.17 7.05
N GLY A 165 22.92 32.00 6.64
CA GLY A 165 23.17 33.43 6.59
C GLY A 165 21.91 34.24 6.49
N GLU A 166 22.07 35.54 6.71
CA GLU A 166 20.98 36.49 6.62
C GLU A 166 21.25 37.46 5.48
N LEU A 167 20.19 37.96 4.87
CA LEU A 167 20.28 38.85 3.73
C LEU A 167 19.43 40.09 3.93
N GLU A 168 19.63 41.09 3.07
CA GLU A 168 18.79 42.28 3.09
C GLU A 168 17.37 41.94 2.65
N ASN A 169 16.44 42.87 2.93
CA ASN A 169 15.03 42.74 2.55
C ASN A 169 14.31 41.54 3.17
N GLY A 170 14.73 41.16 4.37
CA GLY A 170 14.03 40.16 5.16
C GLY A 170 14.16 38.73 4.67
N ARG A 171 15.22 38.46 3.90
CA ARG A 171 15.47 37.11 3.42
CA ARG A 171 15.53 37.13 3.37
C ARG A 171 16.59 36.44 4.22
N HIS A 172 16.60 35.11 4.21
CA HIS A 172 17.65 34.35 4.84
C HIS A 172 17.93 33.12 4.01
N TRP A 173 19.00 32.41 4.36
CA TRP A 173 19.35 31.20 3.64
C TRP A 173 19.99 30.14 4.53
N VAL A 174 19.84 28.90 4.10
CA VAL A 174 20.44 27.74 4.77
C VAL A 174 21.00 26.83 3.68
N GLN A 175 22.17 26.24 3.92
CA GLN A 175 22.73 25.27 3.00
C GLN A 175 22.88 23.91 3.68
N TRP A 176 22.50 22.87 2.93
CA TRP A 176 22.49 21.49 3.39
C TRP A 176 23.45 20.68 2.53
N GLN A 177 24.12 19.72 3.16
CA GLN A 177 24.97 18.78 2.45
C GLN A 177 24.55 17.38 2.83
N ASP A 178 24.26 16.56 1.83
CA ASP A 178 23.96 15.13 2.04
C ASP A 178 25.13 14.35 1.46
N PRO A 179 25.94 13.72 2.32
CA PRO A 179 27.19 13.06 1.87
C PRO A 179 26.95 11.82 1.04
N PHE A 180 25.75 11.25 1.12
CA PHE A 180 25.50 10.00 0.42
C PHE A 180 25.05 10.23 -1.01
N PRO A 181 25.78 9.67 -2.00
CA PRO A 181 25.30 9.79 -3.37
C PRO A 181 23.89 9.27 -3.50
N LYS A 182 23.05 10.00 -4.23
CA LYS A 182 21.67 9.56 -4.41
C LYS A 182 21.12 9.85 -5.78
N PRO A 183 20.14 9.05 -6.20
CA PRO A 183 19.35 9.39 -7.37
C PRO A 183 18.46 10.56 -7.00
N CYS A 184 18.10 11.38 -7.99
CA CYS A 184 17.35 12.61 -7.70
C CYS A 184 15.94 12.38 -7.17
N TYR A 185 15.39 11.17 -7.33
CA TYR A 185 14.05 10.94 -6.78
C TYR A 185 14.04 11.05 -5.25
N LEU A 186 15.23 11.00 -4.63
CA LEU A 186 15.35 11.09 -3.17
C LEU A 186 15.64 12.52 -2.68
N PHE A 187 15.68 13.47 -3.60
CA PHE A 187 15.84 14.87 -3.24
C PHE A 187 14.57 15.38 -2.56
N ALA A 188 14.74 16.19 -1.52
CA ALA A 188 13.59 16.89 -0.92
C ALA A 188 13.98 18.29 -0.49
N LEU A 189 13.00 19.18 -0.55
CA LEU A 189 13.11 20.53 -0.03
C LEU A 189 11.79 20.86 0.65
N VAL A 190 11.88 21.48 1.81
CA VAL A 190 10.70 21.96 2.53
C VAL A 190 10.98 23.36 3.03
N ALA A 191 10.00 24.25 2.86
CA ALA A 191 10.10 25.62 3.40
C ALA A 191 8.78 26.00 4.05
N GLY A 192 8.83 26.54 5.26
CA GLY A 192 7.59 26.97 5.88
C GLY A 192 7.75 27.26 7.36
N ASP A 193 6.61 27.43 8.02
CA ASP A 193 6.54 27.73 9.44
CA ASP A 193 6.54 27.73 9.44
C ASP A 193 5.90 26.53 10.13
N PHE A 194 6.61 25.94 11.06
CA PHE A 194 6.17 24.69 11.68
C PHE A 194 6.38 24.70 13.18
N ASP A 195 5.57 23.89 13.87
CA ASP A 195 5.93 23.42 15.19
C ASP A 195 6.84 22.20 15.01
N VAL A 196 7.79 22.02 15.92
CA VAL A 196 8.77 20.95 15.80
C VAL A 196 8.84 20.17 17.09
N LEU A 197 8.62 18.87 17.01
CA LEU A 197 8.87 17.97 18.14
C LEU A 197 10.27 17.37 17.96
N ARG A 198 11.11 17.56 18.97
CA ARG A 198 12.50 17.10 18.91
C ARG A 198 12.76 16.03 19.94
N ASP A 199 13.49 14.99 19.54
CA ASP A 199 13.80 13.90 20.43
C ASP A 199 15.13 13.30 19.96
N THR A 200 15.55 12.20 20.57
CA THR A 200 16.82 11.57 20.27
CA THR A 200 16.83 11.56 20.26
C THR A 200 16.69 10.05 20.27
N PHE A 201 17.44 9.39 19.40
CA PHE A 201 17.59 7.95 19.44
C PHE A 201 19.07 7.66 19.46
N THR A 202 19.50 6.79 20.37
CA THR A 202 20.90 6.38 20.40
C THR A 202 21.00 4.98 19.82
N THR A 203 21.77 4.84 18.74
CA THR A 203 21.92 3.54 18.07
C THR A 203 22.67 2.55 18.95
N ARG A 204 22.65 1.28 18.59
CA ARG A 204 23.22 0.28 19.50
CA ARG A 204 23.23 0.26 19.46
C ARG A 204 24.74 0.37 19.57
N SER A 205 25.36 1.03 18.58
CA SER A 205 26.81 1.30 18.62
C SER A 205 27.12 2.67 19.21
N GLY A 206 26.08 3.41 19.58
CA GLY A 206 26.24 4.65 20.34
C GLY A 206 26.06 5.95 19.57
N ARG A 207 25.69 5.88 18.30
CA ARG A 207 25.46 7.09 17.51
C ARG A 207 24.18 7.79 18.03
N GLU A 208 24.31 9.05 18.42
CA GLU A 208 23.16 9.80 18.90
C GLU A 208 22.53 10.51 17.70
N VAL A 209 21.28 10.17 17.39
CA VAL A 209 20.59 10.72 16.24
C VAL A 209 19.54 11.72 16.71
N ALA A 210 19.61 12.96 16.22
CA ALA A 210 18.59 13.97 16.48
C ALA A 210 17.38 13.65 15.62
N LEU A 211 16.23 13.54 16.26
CA LEU A 211 14.94 13.30 15.58
C LEU A 211 14.12 14.57 15.59
N GLU A 212 13.59 14.96 14.43
CA GLU A 212 12.83 16.20 14.32
C GLU A 212 11.59 15.96 13.50
N LEU A 213 10.44 16.21 14.11
CA LEU A 213 9.15 16.03 13.45
C LEU A 213 8.48 17.39 13.29
N TYR A 214 8.35 17.83 12.04
CA TYR A 214 7.79 19.13 11.70
C TYR A 214 6.33 18.99 11.35
N VAL A 215 5.48 19.76 12.01
CA VAL A 215 4.02 19.74 11.77
C VAL A 215 3.50 21.16 11.69
N ASP A 216 2.32 21.34 11.10
CA ASP A 216 1.69 22.65 11.06
C ASP A 216 1.52 23.18 12.47
N ARG A 217 1.60 24.51 12.60
CA ARG A 217 1.38 25.15 13.90
C ARG A 217 0.06 24.69 14.48
N GLY A 218 0.10 24.29 15.75
CA GLY A 218 -1.08 23.81 16.46
C GLY A 218 -1.24 22.30 16.49
N ASN A 219 -0.38 21.58 15.76
CA ASN A 219 -0.49 20.12 15.67
C ASN A 219 0.47 19.36 16.60
N LEU A 220 1.20 20.04 17.47
CA LEU A 220 2.08 19.32 18.41
C LEU A 220 1.38 18.27 19.27
N ASP A 221 0.10 18.51 19.59
CA ASP A 221 -0.68 17.55 20.39
C ASP A 221 -0.90 16.21 19.67
N ARG A 222 -0.54 16.17 18.39
CA ARG A 222 -0.77 14.98 17.57
CA ARG A 222 -0.76 14.96 17.59
C ARG A 222 0.53 14.33 17.07
N ALA A 223 1.67 14.79 17.59
CA ALA A 223 2.98 14.34 17.13
C ALA A 223 3.68 13.19 17.91
N PRO A 224 3.48 13.08 19.24
CA PRO A 224 4.25 12.05 19.97
C PRO A 224 4.16 10.60 19.54
N TRP A 225 3.00 10.15 19.06
CA TRP A 225 2.91 8.75 18.66
C TRP A 225 3.81 8.44 17.45
N ALA A 226 3.83 9.35 16.48
CA ALA A 226 4.72 9.20 15.31
C ALA A 226 6.19 9.16 15.74
N MET A 227 6.56 10.02 16.70
CA MET A 227 7.93 10.04 17.20
C MET A 227 8.29 8.75 17.91
N THR A 228 7.35 8.26 18.73
CA THR A 228 7.51 6.98 19.40
C THR A 228 7.69 5.85 18.40
N SER A 229 6.89 5.88 17.33
CA SER A 229 6.96 4.89 16.28
C SER A 229 8.28 4.94 15.52
N LEU A 230 8.83 6.14 15.34
CA LEU A 230 10.14 6.26 14.68
C LEU A 230 11.20 5.57 15.52
N LYS A 231 11.21 5.87 16.81
CA LYS A 231 12.16 5.22 17.70
C LYS A 231 11.97 3.70 17.71
N ASN A 232 10.72 3.24 17.73
CA ASN A 232 10.47 1.81 17.69
C ASN A 232 10.98 1.17 16.41
N SER A 233 10.84 1.89 15.29
CA SER A 233 11.31 1.41 13.99
CA SER A 233 11.30 1.35 14.01
C SER A 233 12.82 1.27 13.95
N MET A 234 13.47 2.29 14.50
CA MET A 234 14.94 2.29 14.56
C MET A 234 15.44 1.11 15.37
N LYS A 235 14.85 0.91 16.56
CA LYS A 235 15.22 -0.21 17.40
C LYS A 235 14.98 -1.55 16.72
N TRP A 236 13.81 -1.71 16.10
CA TRP A 236 13.51 -2.99 15.47
C TRP A 236 14.45 -3.31 14.31
N ASP A 237 14.80 -2.32 13.49
CA ASP A 237 15.68 -2.63 12.35
C ASP A 237 17.06 -3.08 12.87
N GLU A 238 17.49 -2.52 14.01
CA GLU A 238 18.71 -3.01 14.66
C GLU A 238 18.57 -4.45 15.09
N GLU A 239 17.52 -4.73 15.87
CA GLU A 239 17.32 -6.05 16.43
C GLU A 239 17.10 -7.11 15.37
N ARG A 240 16.23 -6.84 14.41
CA ARG A 240 15.85 -7.86 13.45
C ARG A 240 16.79 -7.99 12.24
N PHE A 241 17.21 -6.86 11.68
CA PHE A 241 18.02 -6.87 10.48
C PHE A 241 19.48 -6.43 10.71
N GLY A 242 19.77 -5.97 11.91
CA GLY A 242 21.14 -5.51 12.23
C GLY A 242 21.55 -4.23 11.54
N LEU A 243 20.57 -3.38 11.25
CA LEU A 243 20.78 -2.12 10.51
C LEU A 243 20.65 -0.93 11.42
N GLU A 244 21.62 -0.01 11.34
CA GLU A 244 21.57 1.24 12.08
C GLU A 244 21.41 2.41 11.13
N TYR A 245 20.85 3.50 11.64
CA TYR A 245 20.75 4.75 10.88
C TYR A 245 22.17 5.28 10.64
N ASP A 246 22.33 6.04 9.56
CA ASP A 246 23.67 6.37 9.03
C ASP A 246 23.98 7.87 9.00
N LEU A 247 23.03 8.68 9.45
CA LEU A 247 23.21 10.11 9.55
C LEU A 247 22.98 10.60 10.96
N ASP A 248 23.19 11.90 11.16
CA ASP A 248 23.06 12.37 12.54
CA ASP A 248 23.17 12.63 12.43
C ASP A 248 21.77 13.13 12.83
N ILE A 249 20.94 13.29 11.80
CA ILE A 249 19.66 13.94 11.88
CA ILE A 249 19.61 13.86 11.97
C ILE A 249 18.65 13.07 11.12
N TYR A 250 17.43 12.93 11.65
CA TYR A 250 16.34 12.28 10.95
C TYR A 250 15.18 13.26 11.01
N MET A 251 14.84 13.87 9.88
CA MET A 251 13.71 14.80 9.83
C MET A 251 12.50 14.16 9.16
N ILE A 252 11.32 14.45 9.70
CA ILE A 252 10.03 14.09 9.07
C ILE A 252 9.18 15.34 9.03
N VAL A 253 8.57 15.63 7.88
CA VAL A 253 7.64 16.75 7.74
C VAL A 253 6.27 16.22 7.36
N ALA A 254 5.25 16.57 8.15
CA ALA A 254 3.88 16.15 7.86
C ALA A 254 3.20 17.24 7.05
N VAL A 255 2.77 16.91 5.84
CA VAL A 255 2.09 17.89 4.97
C VAL A 255 0.66 17.47 4.63
N ASP A 256 -0.20 18.45 4.40
CA ASP A 256 -1.63 18.25 4.16
CA ASP A 256 -1.61 18.15 4.17
C ASP A 256 -1.92 17.75 2.74
N PHE A 257 -1.13 18.24 1.79
CA PHE A 257 -1.34 17.96 0.37
C PHE A 257 -0.23 17.05 -0.16
N PHE A 258 -0.56 15.79 -0.41
CA PHE A 258 0.45 14.80 -0.79
C PHE A 258 -0.20 13.64 -1.55
N ASN A 259 0.35 13.30 -2.71
CA ASN A 259 -0.23 12.23 -3.58
C ASN A 259 0.12 10.81 -3.18
N MET A 260 0.82 10.63 -2.06
CA MET A 260 1.06 9.29 -1.57
C MET A 260 1.00 9.32 -0.07
N GLY A 261 1.28 8.20 0.55
CA GLY A 261 1.22 8.12 2.00
C GLY A 261 2.39 8.82 2.62
N ALA A 262 3.57 8.61 2.04
CA ALA A 262 4.81 9.15 2.61
C ALA A 262 5.96 8.85 1.66
N MET A 263 7.13 9.42 1.93
CA MET A 263 8.23 9.35 0.98
C MET A 263 9.57 9.36 1.70
N GLU A 264 10.42 8.42 1.31
CA GLU A 264 11.68 8.14 2.03
C GLU A 264 12.86 9.06 1.68
N ASN A 265 12.62 10.32 1.34
CA ASN A 265 13.75 11.19 0.97
C ASN A 265 14.84 11.14 2.04
N LYS A 266 16.09 10.99 1.64
CA LYS A 266 17.18 10.67 2.58
C LYS A 266 17.26 11.71 3.70
N GLY A 267 17.07 11.25 4.94
CA GLY A 267 17.15 12.14 6.11
C GLY A 267 16.08 13.20 6.23
N LEU A 268 15.15 13.24 5.28
CA LEU A 268 14.11 14.28 5.27
C LEU A 268 12.86 13.66 4.64
N ASN A 269 12.23 12.76 5.38
CA ASN A 269 11.02 12.10 4.85
C ASN A 269 9.91 13.12 4.82
N ILE A 270 9.04 13.04 3.81
CA ILE A 270 7.84 13.89 3.75
C ILE A 270 6.64 12.95 3.82
N PHE A 271 5.72 13.22 4.75
CA PHE A 271 4.60 12.33 5.03
C PHE A 271 3.30 13.04 4.78
N ASN A 272 2.34 12.34 4.19
CA ASN A 272 0.95 12.77 4.25
C ASN A 272 0.60 12.82 5.74
N SER A 273 -0.02 13.92 6.18
CA SER A 273 -0.36 14.04 7.60
CA SER A 273 -0.43 14.08 7.59
C SER A 273 -1.22 12.89 8.13
N LYS A 274 -1.95 12.20 7.25
CA LYS A 274 -2.72 11.00 7.67
C LYS A 274 -1.86 9.95 8.36
N TYR A 275 -0.57 9.89 7.99
CA TYR A 275 0.30 8.87 8.53
C TYR A 275 1.27 9.43 9.57
N VAL A 276 0.91 10.59 10.13
CA VAL A 276 1.66 11.17 11.27
C VAL A 276 0.73 11.54 12.44
N LEU A 277 -0.34 12.28 12.17
CA LEU A 277 -1.11 12.95 13.23
C LEU A 277 -2.11 12.06 13.93
N ALA A 278 -1.94 11.92 15.26
CA ALA A 278 -2.84 11.11 16.08
C ALA A 278 -2.97 11.64 17.49
N ARG A 279 -4.21 11.70 17.94
CA ARG A 279 -4.53 11.77 19.38
C ARG A 279 -5.78 10.95 19.58
N THR A 280 -6.08 10.58 20.82
CA THR A 280 -7.09 9.53 21.02
C THR A 280 -8.49 9.96 20.62
N ASP A 281 -8.74 11.27 20.58
CA ASP A 281 -10.07 11.74 20.14
C ASP A 281 -10.20 11.96 18.63
N THR A 282 -9.09 11.89 17.90
CA THR A 282 -9.11 12.11 16.44
C THR A 282 -8.78 10.85 15.64
N ALA A 283 -8.06 9.93 16.27
CA ALA A 283 -7.48 8.79 15.58
C ALA A 283 -7.98 7.48 16.17
N THR A 284 -8.19 6.48 15.31
CA THR A 284 -8.63 5.17 15.72
C THR A 284 -7.44 4.23 15.93
N ASP A 285 -7.68 3.06 16.53
CA ASP A 285 -6.65 2.02 16.63
C ASP A 285 -6.01 1.78 15.27
N LYS A 286 -6.83 1.74 14.22
CA LYS A 286 -6.33 1.51 12.87
C LYS A 286 -5.36 2.63 12.43
N ASP A 287 -5.71 3.89 12.72
CA ASP A 287 -4.82 5.02 12.44
C ASP A 287 -3.50 4.85 13.18
N TYR A 288 -3.56 4.50 14.46
CA TYR A 288 -2.33 4.31 15.23
C TYR A 288 -1.43 3.25 14.61
N LEU A 289 -2.02 2.12 14.24
CA LEU A 289 -1.24 1.02 13.69
C LEU A 289 -0.74 1.35 12.26
N ASP A 290 -1.49 2.16 11.53
CA ASP A 290 -1.08 2.61 10.19
C ASP A 290 0.06 3.60 10.29
N ILE A 291 0.00 4.52 11.26
CA ILE A 291 1.10 5.45 11.49
C ILE A 291 2.34 4.64 11.83
N GLU A 292 2.21 3.67 12.73
CA GLU A 292 3.34 2.80 13.05
C GLU A 292 3.94 2.14 11.81
N ARG A 293 3.09 1.56 10.97
CA ARG A 293 3.60 0.82 9.84
C ARG A 293 4.20 1.72 8.77
N VAL A 294 3.65 2.92 8.57
CA VAL A 294 4.17 3.82 7.52
C VAL A 294 5.44 4.53 8.00
N ILE A 295 5.45 4.98 9.26
CA ILE A 295 6.71 5.46 9.83
C ILE A 295 7.80 4.38 9.68
N GLY A 296 7.49 3.13 10.02
CA GLY A 296 8.43 2.03 9.84
C GLY A 296 8.84 1.89 8.40
N HIS A 297 7.85 1.81 7.50
CA HIS A 297 8.13 1.66 6.08
C HIS A 297 9.17 2.68 5.58
N GLU A 298 8.93 3.96 5.87
CA GLU A 298 9.83 5.00 5.39
C GLU A 298 11.20 4.84 6.00
N TYR A 299 11.24 4.53 7.28
CA TYR A 299 12.52 4.30 7.95
C TYR A 299 13.26 3.13 7.29
N PHE A 300 12.55 2.04 7.02
CA PHE A 300 13.17 0.84 6.46
C PHE A 300 13.72 1.08 5.05
N HIS A 301 13.10 2.01 4.32
CA HIS A 301 13.63 2.39 3.00
C HIS A 301 15.05 2.96 3.10
N ASN A 302 15.44 3.44 4.28
CA ASN A 302 16.80 3.98 4.36
C ASN A 302 17.86 3.00 3.86
N TRP A 303 17.66 1.71 4.13
CA TRP A 303 18.53 0.67 3.61
C TRP A 303 17.98 0.05 2.34
N THR A 304 16.69 -0.31 2.37
CA THR A 304 16.09 -0.97 1.21
C THR A 304 15.40 0.08 0.32
N GLY A 305 16.23 0.80 -0.43
CA GLY A 305 15.74 1.90 -1.25
C GLY A 305 16.80 2.97 -1.42
N ASN A 306 17.43 3.35 -0.31
CA ASN A 306 18.33 4.52 -0.35
C ASN A 306 19.78 4.04 -0.40
N ARG A 307 20.25 3.33 0.63
CA ARG A 307 21.63 2.80 0.58
C ARG A 307 21.82 1.85 -0.60
N VAL A 308 20.81 1.03 -0.89
CA VAL A 308 20.75 0.33 -2.17
C VAL A 308 19.48 0.81 -2.85
N THR A 309 19.64 1.41 -4.03
CA THR A 309 18.51 1.95 -4.80
C THR A 309 18.19 1.09 -6.03
N CYS A 310 17.41 1.64 -6.97
CA CYS A 310 16.94 0.88 -8.14
C CYS A 310 17.66 1.32 -9.39
N ARG A 311 18.14 0.36 -10.19
CA ARG A 311 18.84 0.68 -11.44
C ARG A 311 17.94 1.42 -12.40
N ASP A 312 16.66 1.04 -12.43
CA ASP A 312 15.69 1.63 -13.31
C ASP A 312 14.32 1.37 -12.68
N TRP A 313 13.28 2.02 -13.21
CA TRP A 313 11.97 1.96 -12.54
C TRP A 313 11.27 0.62 -12.68
N PHE A 314 11.68 -0.18 -13.66
CA PHE A 314 11.13 -1.54 -13.76
C PHE A 314 11.51 -2.38 -12.55
N GLN A 315 12.56 -1.96 -11.83
CA GLN A 315 13.00 -2.66 -10.61
C GLN A 315 12.33 -2.11 -9.35
N LEU A 316 11.24 -1.34 -9.48
CA LEU A 316 10.59 -0.75 -8.31
C LEU A 316 10.37 -1.73 -7.14
N SER A 317 9.92 -2.94 -7.46
CA SER A 317 9.63 -3.92 -6.40
C SER A 317 10.89 -4.32 -5.59
N LEU A 318 12.08 -4.15 -6.16
CA LEU A 318 13.32 -4.38 -5.42
C LEU A 318 13.31 -3.62 -4.10
N LYS A 319 12.82 -2.38 -4.12
CA LYS A 319 12.67 -1.63 -2.88
C LYS A 319 11.29 -1.75 -2.27
N GLU A 320 10.23 -1.81 -3.09
CA GLU A 320 8.88 -1.75 -2.51
C GLU A 320 8.41 -3.10 -1.97
N GLY A 321 8.62 -4.18 -2.71
CA GLY A 321 8.25 -5.51 -2.18
C GLY A 321 9.03 -5.79 -0.90
N LEU A 322 10.33 -5.47 -0.92
CA LEU A 322 11.18 -5.75 0.23
C LEU A 322 10.87 -4.84 1.43
N THR A 323 10.56 -3.57 1.17
CA THR A 323 10.22 -2.64 2.25
C THR A 323 8.84 -2.93 2.82
N VAL A 324 7.90 -3.36 1.97
CA VAL A 324 6.60 -3.77 2.49
C VAL A 324 6.78 -5.03 3.36
N PHE A 325 7.58 -5.98 2.90
CA PHE A 325 7.87 -7.15 3.73
C PHE A 325 8.43 -6.72 5.09
N ARG A 326 9.35 -5.77 5.07
CA ARG A 326 9.91 -5.26 6.30
C ARG A 326 8.88 -4.57 7.18
N ASP A 327 7.98 -3.76 6.61
CA ASP A 327 6.96 -3.11 7.45
C ASP A 327 5.99 -4.14 8.02
N GLN A 328 5.69 -5.20 7.25
CA GLN A 328 4.80 -6.27 7.74
C GLN A 328 5.44 -7.03 8.89
N GLU A 329 6.73 -7.32 8.76
CA GLU A 329 7.48 -8.01 9.82
C GLU A 329 7.60 -7.17 11.08
N PHE A 330 7.79 -5.86 10.90
CA PHE A 330 7.81 -4.90 12.00
C PHE A 330 6.47 -4.91 12.76
N SER A 331 5.37 -4.73 12.03
CA SER A 331 4.06 -4.69 12.66
C SER A 331 3.75 -6.02 13.32
N SER A 332 4.13 -7.11 12.65
CA SER A 332 3.87 -8.48 13.14
C SER A 332 4.66 -8.79 14.41
N ASP A 333 5.93 -8.38 14.44
CA ASP A 333 6.76 -8.61 15.63
C ASP A 333 6.28 -7.80 16.83
N LEU A 334 5.87 -6.56 16.60
CA LEU A 334 5.44 -5.66 17.67
C LEU A 334 4.03 -5.96 18.16
N GLY A 335 3.20 -6.50 17.26
CA GLY A 335 1.77 -6.69 17.56
C GLY A 335 1.34 -8.14 17.44
N SER A 336 0.18 -8.34 16.81
CA SER A 336 -0.34 -9.66 16.54
C SER A 336 0.09 -10.12 15.16
N ARG A 337 0.92 -11.15 15.09
CA ARG A 337 1.33 -11.69 13.80
C ARG A 337 0.14 -12.24 13.02
N ALA A 338 -0.74 -12.97 13.72
CA ALA A 338 -1.92 -13.54 13.06
C ALA A 338 -2.80 -12.47 12.44
N VAL A 339 -3.08 -11.40 13.18
CA VAL A 339 -3.96 -10.33 12.67
C VAL A 339 -3.28 -9.65 11.47
N ASN A 340 -1.98 -9.39 11.56
CA ASN A 340 -1.28 -8.81 10.43
C ASN A 340 -1.32 -9.72 9.20
N ARG A 341 -1.06 -11.01 9.39
CA ARG A 341 -1.09 -11.93 8.27
C ARG A 341 -2.48 -11.97 7.64
N ILE A 342 -3.49 -12.08 8.50
CA ILE A 342 -4.89 -12.10 8.05
C ILE A 342 -5.19 -10.86 7.22
N ASN A 343 -4.81 -9.69 7.72
CA ASN A 343 -5.09 -8.46 6.99
C ASN A 343 -4.38 -8.40 5.64
N ASN A 344 -3.12 -8.84 5.63
CA ASN A 344 -2.39 -8.82 4.39
C ASN A 344 -2.91 -9.83 3.36
N VAL A 345 -3.46 -10.95 3.85
CA VAL A 345 -4.08 -11.93 2.95
C VAL A 345 -5.43 -11.43 2.42
N ARG A 346 -6.20 -10.72 3.26
CA ARG A 346 -7.43 -10.07 2.75
C ARG A 346 -7.10 -9.11 1.60
N THR A 347 -6.01 -8.35 1.75
CA THR A 347 -5.60 -7.41 0.72
C THR A 347 -5.17 -8.14 -0.55
N MET A 348 -4.40 -9.21 -0.39
CA MET A 348 -3.98 -10.01 -1.54
C MET A 348 -5.15 -10.62 -2.29
N ARG A 349 -5.99 -11.36 -1.57
CA ARG A 349 -7.11 -12.07 -2.22
C ARG A 349 -8.17 -11.13 -2.73
N GLY A 350 -8.47 -10.08 -1.96
CA GLY A 350 -9.58 -9.19 -2.29
C GLY A 350 -9.27 -8.02 -3.21
N LEU A 351 -8.02 -7.58 -3.22
CA LEU A 351 -7.64 -6.42 -4.01
C LEU A 351 -6.56 -6.73 -5.03
N GLN A 352 -5.48 -7.40 -4.62
CA GLN A 352 -4.40 -7.67 -5.58
C GLN A 352 -4.77 -8.72 -6.63
N PHE A 353 -5.49 -9.77 -6.23
CA PHE A 353 -5.93 -10.76 -7.22
C PHE A 353 -6.80 -10.07 -8.29
N ALA A 354 -7.63 -9.11 -7.87
CA ALA A 354 -8.49 -8.37 -8.81
C ALA A 354 -7.65 -7.61 -9.81
N GLU A 355 -6.56 -6.99 -9.37
CA GLU A 355 -5.67 -6.31 -10.30
C GLU A 355 -5.03 -7.30 -11.30
N ASP A 356 -4.62 -8.46 -10.79
CA ASP A 356 -3.96 -9.48 -11.62
C ASP A 356 -4.95 -10.12 -12.61
N ALA A 357 -6.25 -9.90 -12.38
CA ALA A 357 -7.35 -10.35 -13.26
C ALA A 357 -7.87 -9.22 -14.14
N SER A 358 -7.12 -8.11 -14.19
CA SER A 358 -7.58 -6.89 -14.86
C SER A 358 -6.74 -6.52 -16.08
N PRO A 359 -7.20 -5.55 -16.90
CA PRO A 359 -6.40 -5.09 -18.04
C PRO A 359 -5.03 -4.51 -17.66
N MET A 360 -4.88 -4.11 -16.39
CA MET A 360 -3.61 -3.55 -15.94
C MET A 360 -2.65 -4.60 -15.40
N ALA A 361 -2.99 -5.89 -15.51
CA ALA A 361 -2.12 -6.94 -14.99
C ALA A 361 -0.67 -6.79 -15.43
N HIS A 362 0.26 -6.99 -14.48
CA HIS A 362 1.69 -6.89 -14.78
C HIS A 362 2.46 -7.78 -13.81
N PRO A 363 3.65 -8.27 -14.19
CA PRO A 363 4.52 -8.95 -13.22
C PRO A 363 5.03 -7.95 -12.16
N ILE A 364 5.51 -8.47 -11.04
CA ILE A 364 6.04 -7.57 -10.00
C ILE A 364 7.21 -6.73 -10.51
N ARG A 365 7.92 -7.25 -11.52
CA ARG A 365 8.91 -6.49 -12.27
C ARG A 365 8.30 -6.25 -13.66
N PRO A 366 7.70 -5.07 -13.88
CA PRO A 366 7.04 -4.82 -15.18
C PRO A 366 7.99 -4.87 -16.37
N ASP A 367 7.43 -5.20 -17.53
CA ASP A 367 8.18 -5.18 -18.78
C ASP A 367 7.89 -3.97 -19.66
N MET A 368 6.75 -3.31 -19.43
CA MET A 368 6.29 -2.23 -20.30
C MET A 368 5.55 -1.22 -19.46
N VAL A 369 6.00 0.04 -19.54
CA VAL A 369 5.38 1.12 -18.79
C VAL A 369 5.26 2.36 -19.68
N ILE A 370 4.08 3.00 -19.66
CA ILE A 370 3.95 4.32 -20.30
C ILE A 370 4.18 5.42 -19.26
N GLU A 371 3.42 5.36 -18.16
CA GLU A 371 3.51 6.34 -17.08
C GLU A 371 3.90 5.58 -15.81
N MET A 372 5.14 5.77 -15.37
CA MET A 372 5.63 5.02 -14.21
C MET A 372 4.80 5.25 -12.95
N ASN A 373 4.19 6.42 -12.82
CA ASN A 373 3.35 6.64 -11.62
C ASN A 373 2.15 5.69 -11.56
N ASN A 374 1.84 5.03 -12.68
CA ASN A 374 0.76 4.03 -12.72
C ASN A 374 1.17 2.67 -12.18
N PHE A 375 2.45 2.52 -11.81
CA PHE A 375 2.96 1.21 -11.41
C PHE A 375 3.36 1.10 -9.93
N TYR A 376 2.80 2.02 -9.15
CA TYR A 376 2.92 1.96 -7.68
C TYR A 376 1.72 1.16 -7.17
N THR A 377 1.78 -0.14 -7.42
CA THR A 377 0.55 -0.96 -7.43
C THR A 377 0.51 -2.01 -6.34
N LEU A 378 -0.69 -2.53 -6.12
CA LEU A 378 -0.90 -3.67 -5.23
C LEU A 378 0.03 -4.83 -5.63
N THR A 379 0.25 -4.99 -6.94
CA THR A 379 1.12 -6.01 -7.45
C THR A 379 2.59 -5.76 -7.02
N VAL A 380 3.10 -4.57 -7.34
CA VAL A 380 4.50 -4.27 -7.07
C VAL A 380 4.80 -4.27 -5.55
N TYR A 381 3.84 -3.75 -4.78
CA TYR A 381 3.95 -3.64 -3.32
C TYR A 381 3.60 -4.94 -2.60
N GLU A 382 2.32 -5.31 -2.66
CA GLU A 382 1.83 -6.43 -1.85
CA GLU A 382 1.81 -6.44 -1.87
C GLU A 382 2.20 -7.79 -2.43
N LYS A 383 2.01 -8.01 -3.74
CA LYS A 383 2.50 -9.27 -4.30
C LYS A 383 4.04 -9.30 -4.25
N GLY A 384 4.66 -8.13 -4.44
CA GLY A 384 6.10 -8.03 -4.27
C GLY A 384 6.55 -8.55 -2.92
N ALA A 385 5.84 -8.14 -1.85
CA ALA A 385 6.15 -8.62 -0.51
C ALA A 385 5.93 -10.11 -0.35
N GLU A 386 4.85 -10.61 -0.96
CA GLU A 386 4.60 -12.06 -0.91
C GLU A 386 5.73 -12.86 -1.55
N VAL A 387 6.34 -12.31 -2.62
CA VAL A 387 7.49 -12.92 -3.25
C VAL A 387 8.71 -12.91 -2.32
N ILE A 388 8.96 -11.78 -1.66
CA ILE A 388 10.01 -11.74 -0.64
C ILE A 388 9.75 -12.78 0.46
N ARG A 389 8.49 -12.85 0.90
CA ARG A 389 8.11 -13.79 1.96
C ARG A 389 8.27 -15.24 1.51
N MET A 390 8.05 -15.54 0.23
CA MET A 390 8.32 -16.89 -0.28
C MET A 390 9.81 -17.21 -0.22
N ILE A 391 10.66 -16.25 -0.55
CA ILE A 391 12.10 -16.45 -0.36
C ILE A 391 12.39 -16.76 1.11
N HIS A 392 11.79 -16.00 2.04
CA HIS A 392 11.95 -16.23 3.45
C HIS A 392 11.49 -17.65 3.85
N THR A 393 10.36 -18.07 3.29
CA THR A 393 9.85 -19.42 3.55
C THR A 393 10.81 -20.51 3.05
N LEU A 394 11.36 -20.33 1.86
CA LEU A 394 12.28 -21.30 1.28
C LEU A 394 13.65 -21.35 1.98
N LEU A 395 14.09 -20.22 2.53
CA LEU A 395 15.44 -20.12 3.09
C LEU A 395 15.48 -20.28 4.60
N GLY A 396 14.42 -19.85 5.28
CA GLY A 396 14.42 -19.70 6.74
C GLY A 396 15.06 -18.39 7.15
N GLU A 397 14.77 -17.92 8.36
CA GLU A 397 15.25 -16.62 8.83
C GLU A 397 16.77 -16.46 8.77
N GLU A 398 17.51 -17.46 9.26
CA GLU A 398 18.98 -17.34 9.30
C GLU A 398 19.59 -17.14 7.91
N ASN A 399 19.25 -18.02 6.96
CA ASN A 399 19.75 -17.86 5.60
C ASN A 399 19.21 -16.61 4.89
N PHE A 400 17.96 -16.24 5.20
CA PHE A 400 17.40 -15.03 4.64
C PHE A 400 18.24 -13.83 5.07
N GLN A 401 18.59 -13.79 6.35
CA GLN A 401 19.41 -12.68 6.84
C GLN A 401 20.82 -12.72 6.25
N LYS A 402 21.38 -13.91 6.06
CA LYS A 402 22.67 -14.02 5.36
C LYS A 402 22.54 -13.42 3.95
N GLY A 403 21.41 -13.69 3.28
CA GLY A 403 21.16 -13.10 1.97
C GLY A 403 21.07 -11.59 2.02
N MET A 404 20.39 -11.07 3.05
CA MET A 404 20.28 -9.61 3.22
C MET A 404 21.67 -9.01 3.38
N GLN A 405 22.49 -9.67 4.19
CA GLN A 405 23.85 -9.19 4.45
C GLN A 405 24.70 -9.21 3.19
N LEU A 406 24.60 -10.26 2.39
CA LEU A 406 25.33 -10.34 1.12
C LEU A 406 24.85 -9.27 0.12
N TYR A 407 23.54 -9.08 0.06
CA TYR A 407 22.94 -8.02 -0.76
C TYR A 407 23.52 -6.65 -0.44
N PHE A 408 23.54 -6.29 0.84
CA PHE A 408 24.12 -5.01 1.22
C PHE A 408 25.63 -4.95 0.97
N GLU A 409 26.34 -6.03 1.28
CA GLU A 409 27.80 -6.06 1.03
C GLU A 409 28.10 -5.77 -0.43
N ARG A 410 27.36 -6.41 -1.35
CA ARG A 410 27.63 -6.27 -2.77
C ARG A 410 27.14 -4.95 -3.35
N HIS A 411 26.03 -4.44 -2.83
CA HIS A 411 25.30 -3.39 -3.53
C HIS A 411 25.13 -2.07 -2.79
N ASP A 412 25.59 -2.00 -1.55
CA ASP A 412 25.59 -0.74 -0.80
C ASP A 412 26.26 0.34 -1.63
N GLY A 413 25.58 1.48 -1.74
CA GLY A 413 26.09 2.64 -2.49
C GLY A 413 25.85 2.54 -3.99
N SER A 414 25.02 1.58 -4.41
CA SER A 414 24.71 1.41 -5.83
C SER A 414 23.21 1.32 -6.14
N ALA A 415 22.91 1.31 -7.44
CA ALA A 415 21.56 1.11 -7.97
C ALA A 415 21.42 -0.29 -8.57
N ALA A 416 20.65 -1.15 -7.91
CA ALA A 416 20.66 -2.57 -8.21
C ALA A 416 19.36 -3.04 -8.89
N THR A 417 19.30 -4.34 -9.18
CA THR A 417 18.15 -4.92 -9.86
C THR A 417 17.50 -6.01 -9.00
N CYS A 418 16.26 -6.35 -9.36
CA CYS A 418 15.60 -7.49 -8.71
C CYS A 418 16.45 -8.74 -8.82
N ASP A 419 17.04 -8.95 -10.00
CA ASP A 419 17.88 -10.12 -10.18
C ASP A 419 19.08 -10.12 -9.23
N ASP A 420 19.69 -8.96 -8.98
CA ASP A 420 20.80 -8.89 -8.03
C ASP A 420 20.37 -9.39 -6.66
N PHE A 421 19.16 -9.01 -6.25
CA PHE A 421 18.66 -9.39 -4.94
C PHE A 421 18.47 -10.91 -4.83
N VAL A 422 17.83 -11.48 -5.86
CA VAL A 422 17.63 -12.93 -5.89
C VAL A 422 18.97 -13.65 -5.89
N GLN A 423 19.93 -13.14 -6.67
CA GLN A 423 21.24 -13.76 -6.71
CA GLN A 423 21.26 -13.74 -6.72
C GLN A 423 21.94 -13.74 -5.35
N ALA A 424 21.81 -12.63 -4.61
CA ALA A 424 22.37 -12.56 -3.28
C ALA A 424 21.74 -13.61 -2.37
N MET A 425 20.42 -13.77 -2.45
CA MET A 425 19.72 -14.74 -1.61
C MET A 425 20.17 -16.16 -1.97
N GLU A 426 20.27 -16.46 -3.25
CA GLU A 426 20.71 -17.78 -3.72
C GLU A 426 22.14 -18.07 -3.27
N ASP A 427 23.02 -17.09 -3.46
CA ASP A 427 24.45 -17.29 -3.16
C ASP A 427 24.73 -17.47 -1.67
N ALA A 428 24.04 -16.69 -0.85
CA ALA A 428 24.21 -16.77 0.60
C ALA A 428 23.70 -18.09 1.19
N SER A 429 22.63 -18.62 0.61
CA SER A 429 21.92 -19.74 1.21
C SER A 429 22.19 -21.09 0.56
N ASN A 430 22.74 -21.07 -0.65
CA ASN A 430 22.92 -22.28 -1.46
CA ASN A 430 22.90 -22.29 -1.46
C ASN A 430 21.57 -22.93 -1.84
N VAL A 431 20.50 -22.13 -1.81
CA VAL A 431 19.18 -22.58 -2.26
C VAL A 431 18.99 -22.11 -3.71
N ASP A 432 18.70 -23.06 -4.60
CA ASP A 432 18.54 -22.75 -6.02
C ASP A 432 17.23 -22.00 -6.25
N LEU A 433 17.36 -20.74 -6.68
CA LEU A 433 16.21 -19.90 -6.98
C LEU A 433 16.05 -19.62 -8.47
N SER A 434 16.65 -20.46 -9.33
CA SER A 434 16.57 -20.27 -10.78
CA SER A 434 16.57 -20.24 -10.77
C SER A 434 15.12 -20.31 -11.29
N HIS A 435 14.38 -21.34 -10.90
CA HIS A 435 12.98 -21.44 -11.27
C HIS A 435 12.16 -20.38 -10.54
N PHE A 436 12.50 -20.16 -9.28
CA PHE A 436 11.80 -19.18 -8.47
C PHE A 436 11.74 -17.81 -9.14
N ARG A 437 12.80 -17.44 -9.86
CA ARG A 437 12.87 -16.13 -10.54
C ARG A 437 11.69 -15.85 -11.45
N ARG A 438 11.00 -16.89 -11.93
CA ARG A 438 9.84 -16.68 -12.80
C ARG A 438 8.72 -15.88 -12.13
N TRP A 439 8.69 -15.86 -10.80
CA TRP A 439 7.74 -15.00 -10.10
C TRP A 439 7.94 -13.52 -10.42
N TYR A 440 9.14 -13.11 -10.83
CA TYR A 440 9.38 -11.72 -11.21
C TYR A 440 8.89 -11.37 -12.60
N SER A 441 8.78 -12.40 -13.44
CA SER A 441 8.54 -12.26 -14.88
C SER A 441 7.11 -12.55 -15.32
N GLN A 442 6.36 -13.28 -14.49
CA GLN A 442 5.03 -13.75 -14.90
C GLN A 442 3.94 -13.08 -14.10
N SER A 443 2.96 -12.53 -14.80
CA SER A 443 1.79 -11.93 -14.16
C SER A 443 0.69 -12.94 -13.93
N GLY A 444 -0.37 -12.51 -13.26
CA GLY A 444 -1.53 -13.38 -13.02
C GLY A 444 -1.39 -14.21 -11.77
N THR A 445 -2.52 -14.73 -11.30
CA THR A 445 -2.57 -15.51 -10.07
C THR A 445 -2.59 -17.01 -10.38
N PRO A 446 -1.59 -17.77 -9.91
CA PRO A 446 -1.69 -19.22 -10.13
C PRO A 446 -2.85 -19.81 -9.36
N ILE A 447 -3.43 -20.85 -9.94
CA ILE A 447 -4.46 -21.65 -9.29
C ILE A 447 -3.85 -23.01 -8.98
N VAL A 448 -3.87 -23.38 -7.70
CA VAL A 448 -3.32 -24.64 -7.26
C VAL A 448 -4.49 -25.56 -6.87
N THR A 449 -4.58 -26.69 -7.57
CA THR A 449 -5.66 -27.66 -7.37
C THR A 449 -5.08 -28.84 -6.62
N VAL A 450 -5.75 -29.22 -5.54
CA VAL A 450 -5.30 -30.33 -4.70
C VAL A 450 -6.39 -31.40 -4.62
N LYS A 451 -5.96 -32.63 -4.88
CA LYS A 451 -6.79 -33.81 -4.67
C LYS A 451 -6.05 -34.72 -3.73
N ASP A 452 -6.78 -35.39 -2.84
CA ASP A 452 -6.11 -36.25 -1.88
C ASP A 452 -6.68 -37.67 -1.85
N ASP A 453 -5.92 -38.55 -1.19
CA ASP A 453 -6.32 -39.93 -1.05
C ASP A 453 -5.70 -40.49 0.20
N TYR A 454 -6.51 -41.10 1.05
CA TYR A 454 -6.00 -41.84 2.18
C TYR A 454 -6.16 -43.32 1.94
N ASN A 455 -5.05 -44.04 2.01
CA ASN A 455 -5.04 -45.49 1.77
C ASN A 455 -4.84 -46.24 3.08
N PRO A 456 -5.92 -46.85 3.62
CA PRO A 456 -5.86 -47.54 4.89
C PRO A 456 -4.98 -48.79 4.87
N GLU A 457 -4.84 -49.41 3.70
CA GLU A 457 -4.05 -50.63 3.55
C GLU A 457 -2.58 -50.34 3.79
N THR A 458 -2.12 -49.18 3.28
CA THR A 458 -0.71 -48.83 3.32
C THR A 458 -0.38 -47.73 4.35
N GLU A 459 -1.42 -47.15 4.93
CA GLU A 459 -1.29 -46.04 5.88
C GLU A 459 -0.55 -44.87 5.23
N GLN A 460 -0.91 -44.61 3.98
CA GLN A 460 -0.31 -43.51 3.20
C GLN A 460 -1.36 -42.49 2.81
N TYR A 461 -0.97 -41.22 2.93
CA TYR A 461 -1.77 -40.09 2.47
C TYR A 461 -1.08 -39.49 1.26
N THR A 462 -1.80 -39.35 0.16
CA THR A 462 -1.24 -38.83 -1.08
C THR A 462 -1.93 -37.53 -1.49
N LEU A 463 -1.14 -36.48 -1.72
CA LEU A 463 -1.64 -35.23 -2.30
C LEU A 463 -1.22 -35.16 -3.75
N THR A 464 -2.21 -34.99 -4.64
CA THR A 464 -1.95 -34.80 -6.05
C THR A 464 -2.19 -33.32 -6.31
N ILE A 465 -1.12 -32.60 -6.62
CA ILE A 465 -1.16 -31.15 -6.69
C ILE A 465 -0.84 -30.68 -8.10
N SER A 466 -1.73 -29.84 -8.63
CA SER A 466 -1.61 -29.28 -9.98
CA SER A 466 -1.51 -29.26 -9.95
C SER A 466 -1.56 -27.76 -9.88
N GLN A 467 -0.94 -27.12 -10.87
CA GLN A 467 -0.96 -25.65 -10.95
C GLN A 467 -1.19 -25.21 -12.38
N ARG A 468 -1.84 -24.06 -12.52
CA ARG A 468 -1.90 -23.34 -13.79
C ARG A 468 -2.10 -21.86 -13.50
N THR A 469 -1.59 -21.01 -14.38
CA THR A 469 -1.90 -19.61 -14.33
C THR A 469 -2.63 -19.30 -15.62
N PRO A 470 -3.86 -18.80 -15.51
CA PRO A 470 -4.58 -18.37 -16.71
C PRO A 470 -3.86 -17.27 -17.44
N ALA A 471 -3.96 -17.27 -18.76
CA ALA A 471 -3.46 -16.16 -19.56
C ALA A 471 -4.01 -14.83 -19.06
N THR A 472 -3.21 -13.79 -19.22
CA THR A 472 -3.59 -12.44 -18.85
C THR A 472 -3.44 -11.58 -20.12
N PRO A 473 -4.05 -10.38 -20.14
CA PRO A 473 -4.00 -9.60 -21.37
C PRO A 473 -2.58 -9.22 -21.81
N ASP A 474 -1.67 -9.15 -20.85
CA ASP A 474 -0.27 -8.81 -21.12
C ASP A 474 0.59 -10.00 -21.53
N GLN A 475 0.14 -11.22 -21.25
CA GLN A 475 0.95 -12.43 -21.47
C GLN A 475 0.13 -13.62 -21.91
N ALA A 476 0.30 -13.99 -23.18
CA ALA A 476 -0.34 -15.20 -23.72
C ALA A 476 0.36 -16.47 -23.26
N GLU A 477 1.63 -16.39 -22.89
CA GLU A 477 2.37 -17.57 -22.45
C GLU A 477 2.51 -17.57 -20.93
N LYS A 478 2.14 -18.69 -20.32
CA LYS A 478 2.31 -18.90 -18.90
C LYS A 478 3.01 -20.24 -18.67
N GLN A 479 3.83 -20.29 -17.63
CA GLN A 479 4.61 -21.47 -17.28
C GLN A 479 4.44 -21.77 -15.80
N PRO A 480 4.72 -23.02 -15.39
CA PRO A 480 4.66 -23.34 -13.96
C PRO A 480 5.68 -22.56 -13.15
N LEU A 481 5.31 -22.26 -11.91
CA LEU A 481 6.16 -21.55 -10.97
C LEU A 481 6.68 -22.48 -9.89
N HIS A 482 7.68 -22.00 -9.16
CA HIS A 482 8.16 -22.68 -7.97
C HIS A 482 7.31 -22.19 -6.80
N ILE A 483 6.34 -23.02 -6.42
CA ILE A 483 5.36 -22.64 -5.40
C ILE A 483 5.66 -23.33 -4.08
N PRO A 484 6.05 -22.58 -3.03
CA PRO A 484 6.22 -23.15 -1.71
C PRO A 484 4.83 -23.41 -1.12
N PHE A 485 4.52 -24.68 -0.89
CA PHE A 485 3.17 -25.09 -0.52
C PHE A 485 3.19 -25.76 0.84
N ALA A 486 2.91 -24.97 1.87
CA ALA A 486 3.03 -25.44 3.26
C ALA A 486 1.80 -26.23 3.68
N ILE A 487 2.04 -27.39 4.29
CA ILE A 487 0.94 -28.23 4.79
C ILE A 487 1.13 -28.62 6.25
N GLU A 488 0.03 -29.08 6.86
CA GLU A 488 0.07 -29.73 8.17
C GLU A 488 -1.07 -30.73 8.18
N LEU A 489 -0.82 -31.91 8.77
CA LEU A 489 -1.84 -32.97 8.83
C LEU A 489 -2.26 -33.22 10.26
N TYR A 490 -3.58 -33.30 10.48
CA TYR A 490 -4.13 -33.46 11.84
C TYR A 490 -4.85 -34.79 12.01
N ASP A 491 -4.60 -35.47 13.12
CA ASP A 491 -5.41 -36.64 13.47
C ASP A 491 -6.74 -36.18 14.07
N ASN A 492 -7.63 -37.12 14.43
CA ASN A 492 -8.98 -36.72 14.84
C ASN A 492 -9.06 -36.08 16.22
N GLU A 493 -7.94 -36.05 16.93
CA GLU A 493 -7.86 -35.34 18.20
CA GLU A 493 -7.80 -35.36 18.22
C GLU A 493 -7.24 -33.95 18.03
N GLY A 494 -6.83 -33.65 16.80
CA GLY A 494 -6.23 -32.34 16.51
C GLY A 494 -4.74 -32.30 16.72
N LYS A 495 -4.13 -33.48 16.82
CA LYS A 495 -2.69 -33.58 17.01
C LYS A 495 -2.01 -33.62 15.65
N VAL A 496 -0.86 -32.95 15.55
CA VAL A 496 -0.10 -32.91 14.31
C VAL A 496 0.52 -34.29 14.03
N ILE A 497 0.28 -34.79 12.82
CA ILE A 497 0.86 -36.04 12.35
C ILE A 497 2.23 -35.74 11.74
N PRO A 498 3.31 -36.35 12.26
CA PRO A 498 4.64 -36.15 11.67
C PRO A 498 4.68 -36.53 10.18
N LEU A 499 5.24 -35.65 9.37
CA LEU A 499 5.37 -35.88 7.93
C LEU A 499 6.64 -36.64 7.65
N GLN A 500 6.51 -37.75 6.93
CA GLN A 500 7.64 -38.61 6.63
C GLN A 500 7.36 -39.49 5.43
N LYS A 501 8.41 -40.03 4.83
CA LYS A 501 8.32 -40.96 3.71
C LYS A 501 9.58 -41.81 3.70
N GLY A 502 9.40 -43.13 3.52
CA GLY A 502 10.51 -44.09 3.47
C GLY A 502 11.47 -44.03 4.65
N GLY A 503 10.96 -43.70 5.83
CA GLY A 503 11.78 -43.64 7.04
C GLY A 503 12.57 -42.36 7.23
N HIS A 504 12.24 -41.32 6.45
CA HIS A 504 12.88 -40.02 6.60
C HIS A 504 11.81 -38.93 6.76
N PRO A 505 12.05 -37.93 7.63
CA PRO A 505 11.13 -36.79 7.74
C PRO A 505 11.07 -36.01 6.44
N VAL A 506 9.91 -35.42 6.16
CA VAL A 506 9.72 -34.61 4.97
C VAL A 506 9.39 -33.19 5.43
N ASN A 507 9.95 -32.21 4.74
CA ASN A 507 9.69 -30.81 5.09
C ASN A 507 8.23 -30.46 4.79
N SER A 508 7.62 -29.71 5.69
CA SER A 508 6.20 -29.36 5.55
C SER A 508 5.94 -28.36 4.41
N VAL A 509 6.99 -27.69 3.95
CA VAL A 509 6.88 -26.81 2.78
C VAL A 509 7.18 -27.63 1.54
N LEU A 510 6.13 -28.00 0.82
CA LEU A 510 6.28 -28.79 -0.40
C LEU A 510 6.72 -27.90 -1.54
N ASN A 511 7.63 -28.40 -2.38
CA ASN A 511 8.03 -27.67 -3.58
C ASN A 511 7.16 -28.07 -4.76
N VAL A 512 6.12 -27.26 -5.00
CA VAL A 512 5.22 -27.47 -6.12
C VAL A 512 5.81 -26.71 -7.31
N THR A 513 6.54 -27.45 -8.14
CA THR A 513 7.31 -26.87 -9.24
C THR A 513 6.82 -27.30 -10.63
N GLN A 514 5.99 -28.35 -10.67
CA GLN A 514 5.51 -28.94 -11.93
C GLN A 514 4.05 -28.58 -12.20
N ALA A 515 3.62 -28.81 -13.44
CA ALA A 515 2.20 -28.67 -13.78
C ALA A 515 1.36 -29.63 -12.93
N GLU A 516 1.89 -30.84 -12.71
CA GLU A 516 1.25 -31.81 -11.84
CA GLU A 516 1.23 -31.91 -11.95
C GLU A 516 2.30 -32.68 -11.18
N GLN A 517 2.04 -33.00 -9.91
CA GLN A 517 2.95 -33.83 -9.14
C GLN A 517 2.22 -34.47 -7.98
N THR A 518 2.79 -35.56 -7.47
CA THR A 518 2.22 -36.23 -6.30
CA THR A 518 2.23 -36.25 -6.32
C THR A 518 3.20 -36.20 -5.14
N PHE A 519 2.66 -36.08 -3.94
CA PHE A 519 3.45 -36.12 -2.72
C PHE A 519 2.86 -37.20 -1.83
N VAL A 520 3.68 -38.17 -1.46
CA VAL A 520 3.22 -39.32 -0.68
C VAL A 520 3.81 -39.27 0.72
N PHE A 521 2.97 -39.49 1.73
CA PHE A 521 3.40 -39.48 3.12
C PHE A 521 3.01 -40.79 3.73
N ASP A 522 3.97 -41.44 4.40
CA ASP A 522 3.63 -42.72 5.04
C ASP A 522 3.54 -42.60 6.55
N ASN A 523 3.29 -43.72 7.23
CA ASN A 523 3.07 -43.70 8.67
C ASN A 523 1.99 -42.69 9.07
N VAL A 524 0.97 -42.61 8.21
CA VAL A 524 -0.22 -41.84 8.51
C VAL A 524 -1.25 -42.86 9.01
N TYR A 525 -1.34 -42.99 10.33
CA TYR A 525 -2.00 -44.16 10.92
C TYR A 525 -3.51 -44.06 10.88
N PHE A 526 -4.00 -42.83 10.81
CA PHE A 526 -5.43 -42.60 10.68
C PHE A 526 -5.69 -41.47 9.70
N GLN A 527 -6.90 -41.43 9.13
CA GLN A 527 -7.24 -40.48 8.07
C GLN A 527 -7.04 -39.04 8.55
N PRO A 528 -6.22 -38.26 7.85
CA PRO A 528 -5.95 -36.91 8.35
C PRO A 528 -6.92 -35.85 7.85
N VAL A 529 -6.99 -34.75 8.58
CA VAL A 529 -7.58 -33.52 8.06
C VAL A 529 -6.39 -32.62 7.73
N PRO A 530 -6.27 -32.19 6.46
CA PRO A 530 -5.14 -31.33 6.11
C PRO A 530 -5.42 -29.85 6.33
N ALA A 531 -4.38 -29.11 6.74
CA ALA A 531 -4.35 -27.67 6.57
C ALA A 531 -3.43 -27.42 5.37
N LEU A 532 -3.93 -26.67 4.39
CA LEU A 532 -3.25 -26.51 3.10
C LEU A 532 -2.90 -25.04 2.88
N LEU A 533 -1.78 -24.80 2.22
CA LEU A 533 -1.28 -23.42 1.94
C LEU A 533 -1.20 -22.63 3.24
N CYS A 534 -0.58 -23.26 4.24
CA CYS A 534 -0.49 -22.66 5.56
C CYS A 534 0.16 -21.28 5.54
N GLU A 535 -0.41 -20.38 6.36
CA GLU A 535 0.00 -18.98 6.43
CA GLU A 535 -0.01 -18.98 6.43
C GLU A 535 0.06 -18.33 5.05
N PHE A 536 -0.77 -18.84 4.12
CA PHE A 536 -0.84 -18.31 2.73
C PHE A 536 0.58 -18.35 2.18
N SER A 537 1.12 -19.56 2.08
CA SER A 537 2.57 -19.73 1.82
C SER A 537 3.01 -19.33 0.42
N ALA A 538 2.05 -19.18 -0.49
CA ALA A 538 2.30 -18.66 -1.84
C ALA A 538 1.07 -17.86 -2.26
N PRO A 539 1.24 -16.82 -3.08
CA PRO A 539 0.10 -15.98 -3.47
C PRO A 539 -0.70 -16.64 -4.60
N VAL A 540 -1.53 -17.61 -4.20
CA VAL A 540 -2.22 -18.44 -5.17
C VAL A 540 -3.67 -18.67 -4.72
N LYS A 541 -4.51 -19.05 -5.68
CA LYS A 541 -5.86 -19.53 -5.37
C LYS A 541 -5.83 -21.03 -5.12
N LEU A 542 -6.43 -21.47 -4.02
CA LEU A 542 -6.44 -22.90 -3.69
C LEU A 542 -7.78 -23.53 -4.06
N GLU A 543 -7.71 -24.62 -4.83
CA GLU A 543 -8.92 -25.40 -5.15
C GLU A 543 -8.80 -26.77 -4.48
N TYR A 544 -9.56 -26.97 -3.41
CA TYR A 544 -9.60 -28.25 -2.73
C TYR A 544 -11.04 -28.44 -2.27
N LYS A 545 -11.58 -29.65 -2.42
CA LYS A 545 -12.99 -29.92 -2.14
C LYS A 545 -13.22 -30.20 -0.65
N TRP A 546 -13.12 -29.14 0.14
CA TRP A 546 -13.36 -29.18 1.57
C TRP A 546 -14.76 -29.68 1.87
N SER A 547 -14.89 -30.49 2.91
CA SER A 547 -16.20 -30.67 3.55
C SER A 547 -16.36 -29.57 4.61
N ASP A 548 -17.60 -29.21 4.95
CA ASP A 548 -17.83 -28.25 6.00
C ASP A 548 -17.19 -28.66 7.32
N GLN A 549 -17.19 -29.97 7.59
CA GLN A 549 -16.71 -30.47 8.86
C GLN A 549 -15.21 -30.46 8.96
N GLN A 550 -14.53 -30.66 7.83
CA GLN A 550 -13.06 -30.47 7.81
C GLN A 550 -12.75 -29.04 8.22
N LEU A 551 -13.51 -28.09 7.66
CA LEU A 551 -13.27 -26.66 7.94
C LEU A 551 -13.57 -26.27 9.38
N THR A 552 -14.68 -26.75 9.94
CA THR A 552 -14.99 -26.42 11.32
C THR A 552 -14.02 -27.13 12.30
N PHE A 553 -13.56 -28.32 11.92
CA PHE A 553 -12.48 -29.00 12.64
C PHE A 553 -11.22 -28.13 12.70
N LEU A 554 -10.83 -27.56 11.56
CA LEU A 554 -9.66 -26.68 11.54
C LEU A 554 -9.88 -25.41 12.38
N MET A 555 -11.10 -24.87 12.34
CA MET A 555 -11.42 -23.70 13.16
C MET A 555 -11.21 -24.00 14.65
N ARG A 556 -11.45 -25.25 15.04
CA ARG A 556 -11.27 -25.67 16.43
C ARG A 556 -9.83 -26.07 16.75
N HIS A 557 -9.15 -26.70 15.80
CA HIS A 557 -7.89 -27.40 16.13
C HIS A 557 -6.60 -26.92 15.46
N ALA A 558 -6.70 -26.18 14.35
CA ALA A 558 -5.49 -25.81 13.64
C ALA A 558 -4.53 -25.07 14.57
N ARG A 559 -3.24 -25.37 14.45
CA ARG A 559 -2.31 -24.83 15.42
C ARG A 559 -1.93 -23.35 15.19
N ASN A 560 -1.92 -22.91 13.94
CA ASN A 560 -1.67 -21.49 13.66
C ASN A 560 -2.99 -20.76 13.54
N ASP A 561 -3.12 -19.65 14.25
CA ASP A 561 -4.34 -18.85 14.23
C ASP A 561 -4.75 -18.44 12.82
N PHE A 562 -3.78 -18.25 11.93
CA PHE A 562 -4.13 -17.91 10.56
C PHE A 562 -5.01 -18.98 9.91
N SER A 563 -4.67 -20.25 10.14
CA SER A 563 -5.39 -21.39 9.56
C SER A 563 -6.84 -21.42 10.01
N ARG A 564 -7.07 -21.01 11.25
CA ARG A 564 -8.41 -21.04 11.81
C ARG A 564 -9.28 -19.98 11.12
N TRP A 565 -8.73 -18.79 10.93
CA TRP A 565 -9.42 -17.75 10.18
C TRP A 565 -9.65 -18.19 8.72
N ASP A 566 -8.61 -18.77 8.11
CA ASP A 566 -8.65 -19.17 6.71
C ASP A 566 -9.73 -20.24 6.48
N ALA A 567 -9.83 -21.18 7.41
CA ALA A 567 -10.87 -22.23 7.34
C ALA A 567 -12.27 -21.60 7.39
N ALA A 568 -12.46 -20.61 8.26
CA ALA A 568 -13.73 -19.88 8.32
C ALA A 568 -14.04 -19.18 6.99
N GLN A 569 -12.99 -18.70 6.30
CA GLN A 569 -13.19 -18.04 5.01
C GLN A 569 -13.68 -19.01 3.95
N SER A 570 -13.09 -20.20 3.95
CA SER A 570 -13.49 -21.23 3.01
C SER A 570 -14.91 -21.68 3.30
N LEU A 571 -15.25 -21.75 4.59
CA LEU A 571 -16.61 -22.17 4.96
C LEU A 571 -17.63 -21.14 4.47
N LEU A 572 -17.35 -19.86 4.69
CA LEU A 572 -18.26 -18.79 4.28
C LEU A 572 -18.38 -18.69 2.77
N ALA A 573 -17.27 -18.92 2.06
CA ALA A 573 -17.25 -18.77 0.60
C ALA A 573 -18.36 -19.60 -0.08
N THR A 574 -18.49 -20.84 0.35
CA THR A 574 -19.53 -21.73 -0.17
C THR A 574 -20.91 -21.08 -0.06
N TYR A 575 -21.19 -20.47 1.08
CA TYR A 575 -22.52 -19.93 1.36
C TYR A 575 -22.75 -18.53 0.81
N ILE A 576 -21.66 -17.78 0.64
CA ILE A 576 -21.73 -16.53 -0.10
C ILE A 576 -22.09 -16.81 -1.55
N LYS A 577 -21.43 -17.80 -2.14
CA LYS A 577 -21.72 -18.18 -3.52
C LYS A 577 -23.15 -18.70 -3.64
N LEU A 578 -23.56 -19.58 -2.73
CA LEU A 578 -24.95 -20.09 -2.72
C LEU A 578 -25.94 -18.93 -2.72
N ASN A 579 -25.75 -17.99 -1.81
CA ASN A 579 -26.74 -16.95 -1.60
C ASN A 579 -26.77 -15.84 -2.64
N VAL A 580 -25.64 -15.62 -3.32
CA VAL A 580 -25.65 -14.70 -4.45
C VAL A 580 -26.49 -15.30 -5.59
N ALA A 581 -26.32 -16.59 -5.85
CA ALA A 581 -27.16 -17.29 -6.84
C ALA A 581 -28.63 -17.21 -6.45
N ARG A 582 -28.93 -17.40 -5.16
CA ARG A 582 -30.31 -17.29 -4.68
C ARG A 582 -30.85 -15.88 -4.87
N HIS A 583 -30.03 -14.88 -4.54
CA HIS A 583 -30.45 -13.48 -4.72
C HIS A 583 -30.87 -13.21 -6.16
N GLN A 584 -30.11 -13.75 -7.12
CA GLN A 584 -30.36 -13.52 -8.53
C GLN A 584 -31.66 -14.16 -9.00
N GLN A 585 -32.13 -15.14 -8.24
CA GLN A 585 -33.42 -15.78 -8.50
C GLN A 585 -34.53 -15.32 -7.55
N GLY A 586 -34.27 -14.25 -6.81
CA GLY A 586 -35.27 -13.64 -5.94
C GLY A 586 -35.54 -14.40 -4.66
N GLN A 587 -34.58 -15.20 -4.23
CA GLN A 587 -34.75 -16.07 -3.06
CA GLN A 587 -34.75 -16.08 -3.08
C GLN A 587 -33.95 -15.57 -1.87
N PRO A 588 -34.50 -15.74 -0.65
CA PRO A 588 -33.85 -15.24 0.55
C PRO A 588 -32.68 -16.10 1.00
N LEU A 589 -31.89 -15.55 1.92
CA LEU A 589 -30.74 -16.28 2.44
C LEU A 589 -31.07 -17.67 2.97
N SER A 590 -30.19 -18.62 2.65
CA SER A 590 -30.26 -19.99 3.18
C SER A 590 -28.89 -20.35 3.73
N LEU A 591 -28.86 -20.83 4.97
CA LEU A 591 -27.61 -21.17 5.64
C LEU A 591 -27.84 -22.39 6.52
N PRO A 592 -27.01 -23.44 6.37
CA PRO A 592 -27.20 -24.60 7.24
C PRO A 592 -26.95 -24.23 8.70
N VAL A 593 -27.67 -24.91 9.60
CA VAL A 593 -27.56 -24.67 11.03
C VAL A 593 -26.09 -24.78 11.49
N HIS A 594 -25.39 -25.78 11.00
CA HIS A 594 -24.03 -26.03 11.47
C HIS A 594 -23.04 -24.88 11.18
N VAL A 595 -23.38 -23.98 10.24
CA VAL A 595 -22.55 -22.80 9.98
C VAL A 595 -22.65 -21.71 11.05
N ALA A 596 -23.87 -21.27 11.38
CA ALA A 596 -24.06 -20.35 12.49
C ALA A 596 -23.49 -20.95 13.79
N ASP A 597 -23.58 -22.27 13.91
CA ASP A 597 -23.02 -22.99 15.06
C ASP A 597 -21.52 -22.76 15.17
N ALA A 598 -20.82 -22.75 14.05
CA ALA A 598 -19.36 -22.58 14.07
C ALA A 598 -18.99 -21.18 14.60
N PHE A 599 -19.75 -20.18 14.20
CA PHE A 599 -19.52 -18.83 14.68
C PHE A 599 -19.97 -18.61 16.13
N ARG A 600 -21.01 -19.34 16.54
CA ARG A 600 -21.38 -19.34 17.94
C ARG A 600 -20.23 -19.89 18.79
N ALA A 601 -19.61 -20.97 18.31
CA ALA A 601 -18.51 -21.60 19.02
C ALA A 601 -17.31 -20.66 19.16
N VAL A 602 -17.05 -19.87 18.12
CA VAL A 602 -15.99 -18.85 18.17
C VAL A 602 -16.27 -17.84 19.27
N LEU A 603 -17.51 -17.35 19.34
CA LEU A 603 -17.93 -16.38 20.34
C LEU A 603 -17.77 -16.90 21.77
N LEU A 604 -18.09 -18.17 21.98
CA LEU A 604 -18.13 -18.74 23.33
C LEU A 604 -16.84 -19.42 23.76
N ASP A 605 -15.87 -19.50 22.85
CA ASP A 605 -14.59 -20.15 23.16
C ASP A 605 -13.74 -19.25 24.05
N GLU A 606 -13.47 -19.70 25.27
CA GLU A 606 -12.68 -18.94 26.23
C GLU A 606 -11.19 -18.93 25.88
N LYS A 607 -10.72 -19.98 25.21
CA LYS A 607 -9.30 -20.16 24.92
C LYS A 607 -8.81 -19.37 23.69
N ILE A 608 -9.74 -18.92 22.86
CA ILE A 608 -9.38 -18.22 21.63
C ILE A 608 -8.90 -16.79 21.91
N ASP A 609 -7.83 -16.39 21.22
CA ASP A 609 -7.33 -15.03 21.29
C ASP A 609 -8.41 -14.10 20.76
N PRO A 610 -8.81 -13.08 21.55
CA PRO A 610 -9.78 -12.10 21.05
C PRO A 610 -9.40 -11.49 19.70
N ALA A 611 -8.10 -11.30 19.46
CA ALA A 611 -7.61 -10.81 18.17
C ALA A 611 -8.08 -11.69 17.02
N LEU A 612 -7.99 -13.00 17.21
CA LEU A 612 -8.41 -13.96 16.18
C LEU A 612 -9.93 -14.01 16.06
N ALA A 613 -10.62 -14.12 17.21
CA ALA A 613 -12.07 -14.11 17.21
C ALA A 613 -12.64 -12.91 16.45
N ALA A 614 -12.07 -11.73 16.69
CA ALA A 614 -12.53 -10.51 16.03
C ALA A 614 -12.46 -10.60 14.50
N GLU A 615 -11.38 -11.21 14.01
CA GLU A 615 -11.20 -11.34 12.56
C GLU A 615 -12.14 -12.39 11.95
N ILE A 616 -12.32 -13.52 12.65
CA ILE A 616 -13.29 -14.52 12.19
C ILE A 616 -14.68 -13.89 12.12
N LEU A 617 -14.98 -13.02 13.07
CA LEU A 617 -16.29 -12.37 13.15
C LEU A 617 -16.41 -11.13 12.28
N THR A 618 -15.40 -10.87 11.46
CA THR A 618 -15.43 -9.78 10.51
C THR A 618 -15.67 -10.40 9.13
N LEU A 619 -16.86 -10.17 8.58
CA LEU A 619 -17.18 -10.80 7.30
C LEU A 619 -16.31 -10.24 6.18
N PRO A 620 -16.03 -11.06 5.15
CA PRO A 620 -15.30 -10.55 3.99
C PRO A 620 -15.96 -9.31 3.41
N SER A 621 -15.17 -8.35 2.94
CA SER A 621 -15.69 -7.12 2.37
C SER A 621 -16.37 -7.42 1.03
N VAL A 622 -17.11 -6.47 0.51
CA VAL A 622 -17.74 -6.66 -0.81
C VAL A 622 -16.71 -6.87 -1.92
N ASN A 623 -15.53 -6.23 -1.79
CA ASN A 623 -14.47 -6.49 -2.75
C ASN A 623 -13.85 -7.89 -2.61
N GLU A 624 -13.67 -8.38 -1.38
CA GLU A 624 -13.24 -9.75 -1.16
C GLU A 624 -14.27 -10.74 -1.73
N MET A 625 -15.55 -10.45 -1.51
CA MET A 625 -16.61 -11.34 -2.03
C MET A 625 -16.65 -11.40 -3.54
N ALA A 626 -16.41 -10.24 -4.18
CA ALA A 626 -16.39 -10.17 -5.65
C ALA A 626 -15.42 -11.18 -6.28
N GLU A 627 -14.31 -11.48 -5.60
CA GLU A 627 -13.32 -12.35 -6.19
CA GLU A 627 -13.25 -12.36 -6.10
C GLU A 627 -13.69 -13.82 -6.17
N LEU A 628 -14.84 -14.11 -5.55
CA LEU A 628 -15.37 -15.46 -5.57
C LEU A 628 -16.09 -15.76 -6.88
N PHE A 629 -16.28 -14.73 -7.71
CA PHE A 629 -17.17 -14.84 -8.87
C PHE A 629 -16.49 -14.51 -10.18
N ASP A 630 -16.88 -15.21 -11.24
CA ASP A 630 -16.39 -14.90 -12.58
C ASP A 630 -17.00 -13.62 -13.12
N ILE A 631 -18.30 -13.47 -12.97
CA ILE A 631 -18.99 -12.24 -13.31
C ILE A 631 -19.52 -11.67 -12.00
N ILE A 632 -19.13 -10.43 -11.71
CA ILE A 632 -19.51 -9.79 -10.46
C ILE A 632 -20.90 -9.19 -10.54
N ASP A 633 -21.76 -9.57 -9.61
CA ASP A 633 -23.04 -8.91 -9.43
C ASP A 633 -22.95 -8.11 -8.14
N PRO A 634 -22.63 -6.82 -8.25
CA PRO A 634 -22.30 -6.08 -7.01
C PRO A 634 -23.51 -5.78 -6.13
N ILE A 635 -24.71 -5.76 -6.74
CA ILE A 635 -25.91 -5.53 -5.96
C ILE A 635 -26.24 -6.79 -5.15
N ALA A 636 -26.22 -7.96 -5.80
CA ALA A 636 -26.40 -9.23 -5.10
C ALA A 636 -25.38 -9.38 -3.97
N ILE A 637 -24.12 -9.08 -4.25
CA ILE A 637 -23.08 -9.20 -3.23
C ILE A 637 -23.38 -8.32 -2.01
N ALA A 638 -23.72 -7.06 -2.25
CA ALA A 638 -23.99 -6.13 -1.14
C ALA A 638 -25.19 -6.59 -0.32
N GLU A 639 -26.24 -7.04 -1.01
CA GLU A 639 -27.46 -7.42 -0.30
C GLU A 639 -27.29 -8.74 0.46
N VAL A 640 -26.52 -9.66 -0.12
CA VAL A 640 -26.20 -10.91 0.55
C VAL A 640 -25.31 -10.65 1.77
N ARG A 641 -24.37 -9.72 1.65
CA ARG A 641 -23.52 -9.39 2.80
C ARG A 641 -24.36 -8.87 3.96
N GLU A 642 -25.33 -8.00 3.66
CA GLU A 642 -26.23 -7.51 4.70
C GLU A 642 -27.13 -8.63 5.24
N ALA A 643 -27.64 -9.46 4.35
CA ALA A 643 -28.53 -10.55 4.78
C ALA A 643 -27.79 -11.54 5.69
N LEU A 644 -26.53 -11.83 5.36
CA LEU A 644 -25.70 -12.70 6.17
C LEU A 644 -25.45 -12.09 7.55
N THR A 645 -25.18 -10.78 7.57
CA THR A 645 -24.99 -10.03 8.81
C THR A 645 -26.25 -10.10 9.68
N ARG A 646 -27.41 -9.87 9.06
CA ARG A 646 -28.70 -9.93 9.78
C ARG A 646 -29.00 -11.33 10.33
N THR A 647 -28.74 -12.36 9.53
CA THR A 647 -29.00 -13.73 9.97
C THR A 647 -28.15 -14.10 11.18
N LEU A 648 -26.87 -13.76 11.12
CA LEU A 648 -25.98 -14.07 12.23
C LEU A 648 -26.33 -13.21 13.45
N ALA A 649 -26.73 -11.97 13.21
CA ALA A 649 -27.19 -11.06 14.27
C ALA A 649 -28.37 -11.70 15.02
N THR A 650 -29.30 -12.26 14.26
CA THR A 650 -30.50 -12.86 14.86
C THR A 650 -30.16 -14.16 15.61
N GLU A 651 -29.43 -15.06 14.95
CA GLU A 651 -29.11 -16.36 15.51
C GLU A 651 -28.16 -16.29 16.71
N LEU A 652 -27.37 -15.23 16.77
CA LEU A 652 -26.35 -15.11 17.83
C LEU A 652 -26.58 -13.91 18.77
N ALA A 653 -27.78 -13.35 18.76
CA ALA A 653 -28.09 -12.12 19.52
C ALA A 653 -27.60 -12.11 20.96
N ASP A 654 -27.87 -13.20 21.69
CA ASP A 654 -27.51 -13.26 23.11
C ASP A 654 -26.01 -13.34 23.30
N GLU A 655 -25.38 -14.21 22.53
CA GLU A 655 -23.93 -14.44 22.60
C GLU A 655 -23.17 -13.17 22.21
N LEU A 656 -23.63 -12.50 21.15
CA LEU A 656 -23.01 -11.25 20.71
C LEU A 656 -23.04 -10.16 21.78
N LEU A 657 -24.17 -10.05 22.48
CA LEU A 657 -24.30 -9.05 23.54
C LEU A 657 -23.41 -9.40 24.73
N ALA A 658 -23.34 -10.70 25.06
CA ALA A 658 -22.51 -11.16 26.19
C ALA A 658 -21.05 -10.82 25.93
N ILE A 659 -20.59 -11.09 24.72
CA ILE A 659 -19.18 -10.86 24.37
C ILE A 659 -18.88 -9.36 24.22
N TYR A 660 -19.83 -8.61 23.67
CA TYR A 660 -19.76 -7.15 23.63
C TYR A 660 -19.53 -6.57 25.04
N ASN A 661 -20.36 -6.98 26.00
CA ASN A 661 -20.23 -6.49 27.36
C ASN A 661 -18.96 -6.97 28.07
N ALA A 662 -18.57 -8.22 27.82
CA ALA A 662 -17.39 -8.80 28.47
C ALA A 662 -16.12 -8.05 28.09
N ASN A 663 -16.10 -7.46 26.90
CA ASN A 663 -14.90 -6.80 26.39
C ASN A 663 -14.86 -5.30 26.56
N TYR A 664 -15.80 -4.77 27.32
CA TYR A 664 -15.80 -3.37 27.71
C TYR A 664 -14.48 -3.03 28.43
N GLN A 665 -13.91 -1.88 28.09
CA GLN A 665 -12.67 -1.39 28.70
C GLN A 665 -12.84 0.09 29.05
N SER A 666 -12.79 0.41 30.34
CA SER A 666 -12.93 1.80 30.76
C SER A 666 -11.70 2.63 30.41
N GLU A 667 -10.52 2.04 30.55
CA GLU A 667 -9.28 2.71 30.13
C GLU A 667 -9.07 2.54 28.63
N TYR A 668 -8.65 3.61 27.96
CA TYR A 668 -8.26 3.51 26.56
C TYR A 668 -6.73 3.42 26.44
N ARG A 669 -6.25 2.34 25.84
CA ARG A 669 -4.81 2.11 25.62
C ARG A 669 -4.56 1.69 24.19
N VAL A 670 -3.51 2.26 23.59
CA VAL A 670 -3.01 1.81 22.29
C VAL A 670 -1.99 0.71 22.56
N GLU A 671 -2.52 -0.44 22.97
CA GLU A 671 -1.72 -1.60 23.36
C GLU A 671 -2.42 -2.82 22.78
N HIS A 672 -1.64 -3.77 22.28
CA HIS A 672 -2.20 -4.83 21.44
C HIS A 672 -3.28 -5.68 22.11
N GLU A 673 -3.14 -5.97 23.39
CA GLU A 673 -4.19 -6.77 24.06
C GLU A 673 -5.48 -5.97 24.14
N ASP A 674 -5.38 -4.68 24.45
CA ASP A 674 -6.55 -3.81 24.52
C ASP A 674 -7.17 -3.62 23.14
N ILE A 675 -6.33 -3.45 22.13
CA ILE A 675 -6.82 -3.28 20.76
C ILE A 675 -7.58 -4.52 20.33
N ALA A 676 -7.09 -5.69 20.69
CA ALA A 676 -7.75 -6.95 20.34
C ALA A 676 -9.16 -7.05 20.95
N LYS A 677 -9.25 -6.77 22.25
CA LYS A 677 -10.54 -6.80 22.94
C LYS A 677 -11.54 -5.83 22.34
N ARG A 678 -11.06 -4.63 22.00
CA ARG A 678 -11.90 -3.58 21.43
C ARG A 678 -12.33 -3.95 20.01
N THR A 679 -11.42 -4.56 19.25
CA THR A 679 -11.74 -5.00 17.89
C THR A 679 -12.82 -6.09 17.95
N LEU A 680 -12.70 -6.99 18.93
CA LEU A 680 -13.75 -8.01 19.14
C LEU A 680 -15.07 -7.37 19.56
N ARG A 681 -15.03 -6.45 20.52
CA ARG A 681 -16.24 -5.77 20.97
C ARG A 681 -16.95 -5.10 19.80
N ASN A 682 -16.18 -4.38 18.98
CA ASN A 682 -16.77 -3.68 17.85
C ASN A 682 -17.17 -4.60 16.69
N ALA A 683 -16.53 -5.77 16.58
CA ALA A 683 -16.99 -6.80 15.63
C ALA A 683 -18.38 -7.28 16.02
N CYS A 684 -18.57 -7.48 17.33
CA CYS A 684 -19.89 -7.81 17.85
C CYS A 684 -20.89 -6.69 17.59
N LEU A 685 -20.47 -5.45 17.79
CA LEU A 685 -21.34 -4.29 17.55
C LEU A 685 -21.93 -4.28 16.13
N ARG A 686 -21.12 -4.65 15.14
CA ARG A 686 -21.57 -4.66 13.74
C ARG A 686 -22.84 -5.49 13.61
N PHE A 687 -22.85 -6.65 14.26
CA PHE A 687 -24.03 -7.54 14.22
C PHE A 687 -25.15 -7.00 15.09
N LEU A 688 -24.80 -6.50 16.27
CA LEU A 688 -25.82 -5.99 17.20
C LEU A 688 -26.60 -4.83 16.61
N ALA A 689 -25.97 -4.09 15.70
CA ALA A 689 -26.63 -2.99 14.99
C ALA A 689 -27.83 -3.45 14.17
N PHE A 690 -27.82 -4.74 13.81
CA PHE A 690 -28.90 -5.34 13.03
C PHE A 690 -29.89 -6.13 13.89
N GLY A 691 -29.86 -5.90 15.20
CA GLY A 691 -30.85 -6.49 16.10
C GLY A 691 -32.17 -5.76 16.01
N GLU A 692 -33.08 -6.06 16.94
CA GLU A 692 -34.35 -5.32 17.01
C GLU A 692 -34.04 -3.84 17.02
N THR A 693 -34.75 -3.11 16.17
CA THR A 693 -34.45 -1.71 15.86
C THR A 693 -34.25 -0.80 17.07
N HIS A 694 -35.20 -0.80 18.01
CA HIS A 694 -35.05 0.09 19.16
C HIS A 694 -33.86 -0.29 20.04
N LEU A 695 -33.69 -1.60 20.27
CA LEU A 695 -32.58 -2.14 21.04
C LEU A 695 -31.23 -1.75 20.42
N ALA A 696 -31.12 -1.95 19.11
CA ALA A 696 -29.92 -1.60 18.35
C ALA A 696 -29.65 -0.11 18.39
N ASP A 697 -30.70 0.70 18.19
CA ASP A 697 -30.58 2.15 18.14
C ASP A 697 -30.04 2.68 19.47
N VAL A 698 -30.54 2.13 20.57
CA VAL A 698 -30.13 2.58 21.89
C VAL A 698 -28.67 2.22 22.14
N LEU A 699 -28.29 0.98 21.82
CA LEU A 699 -26.94 0.49 22.04
C LEU A 699 -25.92 1.30 21.24
N VAL A 700 -26.23 1.52 19.97
CA VAL A 700 -25.34 2.23 19.06
C VAL A 700 -25.17 3.70 19.46
N SER A 701 -26.27 4.39 19.73
CA SER A 701 -26.21 5.80 20.12
CA SER A 701 -26.22 5.79 20.14
C SER A 701 -25.48 5.96 21.46
N LYS A 702 -25.70 5.01 22.38
CA LYS A 702 -25.03 5.01 23.68
C LYS A 702 -23.51 4.94 23.49
N GLN A 703 -23.06 4.02 22.64
CA GLN A 703 -21.61 3.89 22.40
C GLN A 703 -21.01 5.16 21.78
N PHE A 704 -21.71 5.75 20.82
CA PHE A 704 -21.25 6.98 20.18
C PHE A 704 -21.08 8.09 21.21
N HIS A 705 -22.06 8.23 22.09
CA HIS A 705 -22.05 9.31 23.06
C HIS A 705 -21.12 9.06 24.26
N GLU A 706 -20.98 7.79 24.68
CA GLU A 706 -20.17 7.45 25.85
C GLU A 706 -18.71 7.13 25.50
N ALA A 707 -18.40 7.02 24.21
CA ALA A 707 -17.04 6.68 23.79
C ALA A 707 -16.01 7.65 24.37
N ASN A 708 -14.91 7.11 24.91
CA ASN A 708 -13.82 7.96 25.38
C ASN A 708 -12.62 7.94 24.42
N ASN A 709 -12.87 7.53 23.18
CA ASN A 709 -11.84 7.44 22.14
C ASN A 709 -12.52 7.37 20.78
N MET A 710 -11.78 7.72 19.73
CA MET A 710 -12.38 7.76 18.40
C MET A 710 -12.66 6.38 17.81
N THR A 711 -11.92 5.35 18.22
CA THR A 711 -12.19 3.99 17.73
C THR A 711 -13.62 3.60 18.02
N ASP A 712 -14.01 3.77 19.28
CA ASP A 712 -15.37 3.38 19.68
C ASP A 712 -16.44 4.30 19.13
N ALA A 713 -16.15 5.59 19.04
CA ALA A 713 -17.10 6.54 18.45
C ALA A 713 -17.33 6.21 16.98
N LEU A 714 -16.25 6.01 16.23
CA LEU A 714 -16.39 5.70 14.81
C LEU A 714 -17.09 4.36 14.58
N ALA A 715 -16.82 3.37 15.44
CA ALA A 715 -17.47 2.05 15.29
C ALA A 715 -18.99 2.22 15.41
N ALA A 716 -19.42 3.03 16.37
CA ALA A 716 -20.85 3.26 16.58
C ALA A 716 -21.45 4.02 15.40
N LEU A 717 -20.77 5.09 14.98
CA LEU A 717 -21.25 5.85 13.84
C LEU A 717 -21.37 4.97 12.59
N SER A 718 -20.37 4.13 12.36
CA SER A 718 -20.36 3.21 11.21
C SER A 718 -21.55 2.25 11.22
N ALA A 719 -21.89 1.77 12.42
CA ALA A 719 -23.01 0.85 12.61
C ALA A 719 -24.36 1.54 12.34
N ALA A 720 -24.47 2.79 12.79
CA ALA A 720 -25.70 3.57 12.54
C ALA A 720 -25.93 3.74 11.03
N VAL A 721 -24.84 3.99 10.30
CA VAL A 721 -24.93 4.12 8.85
C VAL A 721 -25.22 2.76 8.20
N ALA A 722 -24.47 1.72 8.60
CA ALA A 722 -24.62 0.40 7.99
C ALA A 722 -26.04 -0.14 8.12
N ALA A 723 -26.62 0.04 9.29
CA ALA A 723 -27.94 -0.53 9.59
C ALA A 723 -29.07 0.47 9.39
N GLN A 724 -28.73 1.66 8.90
CA GLN A 724 -29.72 2.74 8.66
C GLN A 724 -30.60 2.98 9.88
N LEU A 725 -29.95 3.08 11.04
CA LEU A 725 -30.67 3.19 12.30
C LEU A 725 -31.32 4.56 12.47
N PRO A 726 -32.41 4.64 13.27
CA PRO A 726 -33.03 5.93 13.51
C PRO A 726 -32.07 7.05 13.93
N CYS A 727 -31.07 6.73 14.76
CA CYS A 727 -30.15 7.75 15.27
C CYS A 727 -29.13 8.27 14.24
N ARG A 728 -29.07 7.63 13.07
CA ARG A 728 -28.01 7.93 12.09
C ARG A 728 -27.85 9.41 11.76
N ASP A 729 -28.93 10.07 11.35
CA ASP A 729 -28.82 11.45 10.91
C ASP A 729 -28.34 12.37 12.02
N ALA A 730 -28.82 12.14 13.25
CA ALA A 730 -28.39 12.91 14.42
C ALA A 730 -26.90 12.73 14.68
N LEU A 731 -26.46 11.48 14.72
CA LEU A 731 -25.04 11.20 14.98
C LEU A 731 -24.16 11.81 13.90
N MET A 732 -24.55 11.66 12.63
CA MET A 732 -23.76 12.20 11.53
C MET A 732 -23.64 13.73 11.61
N GLN A 733 -24.73 14.40 12.00
CA GLN A 733 -24.70 15.85 12.12
C GLN A 733 -23.83 16.29 13.31
N GLU A 734 -23.93 15.56 14.42
CA GLU A 734 -23.16 15.85 15.61
C GLU A 734 -21.66 15.75 15.30
N TYR A 735 -21.29 14.73 14.52
CA TYR A 735 -19.90 14.55 14.13
C TYR A 735 -19.41 15.69 13.23
N ASP A 736 -20.21 16.04 12.23
CA ASP A 736 -19.93 17.18 11.37
C ASP A 736 -19.72 18.46 12.20
N ASP A 737 -20.66 18.75 13.08
CA ASP A 737 -20.58 19.94 13.93
C ASP A 737 -19.32 19.98 14.78
N LYS A 738 -18.92 18.83 15.30
CA LYS A 738 -17.75 18.73 16.17
C LYS A 738 -16.45 18.77 15.40
N TRP A 739 -16.44 18.19 14.19
CA TRP A 739 -15.17 17.90 13.52
C TRP A 739 -14.93 18.54 12.16
N HIS A 740 -15.87 19.34 11.66
CA HIS A 740 -15.76 19.89 10.29
C HIS A 740 -14.43 20.61 9.97
N GLN A 741 -13.78 21.16 11.00
CA GLN A 741 -12.54 21.90 10.83
C GLN A 741 -11.32 20.98 10.65
N ASN A 742 -11.53 19.68 10.87
CA ASN A 742 -10.43 18.70 10.85
C ASN A 742 -10.59 17.75 9.67
N GLY A 743 -9.83 17.98 8.61
CA GLY A 743 -9.92 17.18 7.37
C GLY A 743 -9.70 15.69 7.59
N LEU A 744 -8.65 15.30 8.32
CA LEU A 744 -8.40 13.88 8.56
C LEU A 744 -9.55 13.18 9.26
N VAL A 745 -10.16 13.87 10.22
CA VAL A 745 -11.28 13.32 10.95
C VAL A 745 -12.52 13.28 10.03
N MET A 746 -12.72 14.33 9.24
CA MET A 746 -13.85 14.35 8.29
C MET A 746 -13.75 13.29 7.20
N ASP A 747 -12.53 12.90 6.86
CA ASP A 747 -12.36 11.80 5.90
C ASP A 747 -13.10 10.53 6.28
N LYS A 748 -13.16 10.23 7.58
CA LYS A 748 -13.86 9.03 8.04
C LYS A 748 -15.36 9.17 7.77
N TRP A 749 -15.85 10.39 7.92
CA TRP A 749 -17.26 10.73 7.73
C TRP A 749 -17.61 10.72 6.22
N PHE A 750 -16.73 11.29 5.39
CA PHE A 750 -16.91 11.17 3.93
C PHE A 750 -16.95 9.70 3.48
N ILE A 751 -16.06 8.87 4.03
CA ILE A 751 -16.07 7.44 3.68
C ILE A 751 -17.41 6.81 4.05
N LEU A 752 -17.94 7.15 5.22
CA LEU A 752 -19.24 6.61 5.63
C LEU A 752 -20.36 7.07 4.72
N GLN A 753 -20.31 8.34 4.31
CA GLN A 753 -21.33 8.86 3.38
C GLN A 753 -21.25 8.13 2.06
N ALA A 754 -20.03 7.93 1.57
CA ALA A 754 -19.81 7.33 0.26
C ALA A 754 -20.17 5.85 0.18
N THR A 755 -20.04 5.15 1.32
CA THR A 755 -20.28 3.70 1.38
C THR A 755 -21.64 3.36 2.01
N SER A 756 -22.48 4.38 2.18
CA SER A 756 -23.79 4.19 2.79
C SER A 756 -24.70 3.27 1.95
N PRO A 757 -25.47 2.39 2.62
CA PRO A 757 -26.45 1.56 1.91
C PRO A 757 -27.72 2.31 1.53
N ALA A 758 -27.83 3.57 1.91
CA ALA A 758 -29.03 4.38 1.61
C ALA A 758 -29.28 4.46 0.11
N ALA A 759 -30.56 4.42 -0.27
CA ALA A 759 -30.94 4.53 -1.68
C ALA A 759 -30.44 5.83 -2.34
N ASN A 760 -30.37 6.90 -1.57
CA ASN A 760 -29.99 8.22 -2.12
C ASN A 760 -28.50 8.54 -2.02
N VAL A 761 -27.67 7.52 -1.88
CA VAL A 761 -26.23 7.74 -1.67
C VAL A 761 -25.55 8.63 -2.72
N LEU A 762 -25.82 8.40 -4.01
CA LEU A 762 -25.16 9.24 -5.02
C LEU A 762 -25.57 10.72 -4.89
N GLU A 763 -26.86 10.96 -4.67
CA GLU A 763 -27.35 12.32 -4.46
C GLU A 763 -26.60 12.98 -3.29
N THR A 764 -26.42 12.23 -2.22
CA THR A 764 -25.73 12.72 -1.03
C THR A 764 -24.27 13.01 -1.35
N VAL A 765 -23.60 12.06 -1.98
CA VAL A 765 -22.20 12.24 -2.39
C VAL A 765 -22.00 13.46 -3.29
N ARG A 766 -22.83 13.61 -4.32
CA ARG A 766 -22.77 14.78 -5.18
C ARG A 766 -22.92 16.08 -4.39
N GLY A 767 -23.88 16.09 -3.45
CA GLY A 767 -24.11 17.26 -2.61
C GLY A 767 -22.88 17.61 -1.77
N LEU A 768 -22.17 16.58 -1.33
CA LEU A 768 -21.00 16.79 -0.48
C LEU A 768 -19.79 17.40 -1.21
N LEU A 769 -19.85 17.47 -2.54
CA LEU A 769 -18.83 18.23 -3.27
C LEU A 769 -18.82 19.71 -2.84
N GLN A 770 -19.94 20.15 -2.26
CA GLN A 770 -20.10 21.52 -1.81
C GLN A 770 -19.93 21.67 -0.30
N HIS A 771 -19.57 20.58 0.37
CA HIS A 771 -19.42 20.60 1.83
C HIS A 771 -18.21 21.43 2.22
N ARG A 772 -18.34 22.15 3.34
CA ARG A 772 -17.26 23.04 3.80
C ARG A 772 -15.94 22.33 4.06
N SER A 773 -16.01 21.03 4.36
CA SER A 773 -14.81 20.24 4.68
C SER A 773 -14.24 19.52 3.46
N PHE A 774 -14.91 19.62 2.32
CA PHE A 774 -14.42 19.00 1.09
C PHE A 774 -13.73 19.98 0.15
N THR A 775 -12.69 19.51 -0.53
CA THR A 775 -12.12 20.27 -1.64
C THR A 775 -11.47 19.36 -2.66
N MET A 776 -11.67 19.69 -3.94
CA MET A 776 -11.04 18.96 -5.04
C MET A 776 -9.51 19.15 -5.09
N SER A 777 -9.00 20.12 -4.33
CA SER A 777 -7.56 20.41 -4.32
C SER A 777 -6.79 19.44 -3.41
N ASN A 778 -7.50 18.65 -2.61
CA ASN A 778 -6.83 17.81 -1.63
C ASN A 778 -7.02 16.31 -1.91
N PRO A 779 -5.93 15.60 -2.26
CA PRO A 779 -6.05 14.16 -2.56
C PRO A 779 -6.74 13.32 -1.49
N ASN A 780 -6.55 13.65 -0.22
CA ASN A 780 -7.20 12.88 0.84
C ASN A 780 -8.71 13.03 0.77
N ARG A 781 -9.17 14.26 0.55
CA ARG A 781 -10.61 14.51 0.43
C ARG A 781 -11.18 13.75 -0.76
N ILE A 782 -10.47 13.83 -1.88
CA ILE A 782 -10.89 13.14 -3.11
C ILE A 782 -11.05 11.66 -2.87
N ARG A 783 -10.03 11.06 -2.24
CA ARG A 783 -10.07 9.62 -2.02
C ARG A 783 -11.17 9.20 -1.04
N SER A 784 -11.42 10.04 -0.03
CA SER A 784 -12.37 9.69 1.03
CA SER A 784 -12.38 9.70 1.02
C SER A 784 -13.82 9.83 0.61
N LEU A 785 -14.09 10.72 -0.34
CA LEU A 785 -15.46 10.89 -0.84
C LEU A 785 -15.68 10.20 -2.18
N ILE A 786 -14.92 10.61 -3.18
CA ILE A 786 -15.14 10.10 -4.55
C ILE A 786 -14.54 8.71 -4.71
N GLY A 787 -13.31 8.51 -4.24
CA GLY A 787 -12.69 7.19 -4.33
C GLY A 787 -13.45 6.14 -3.54
N ALA A 788 -13.91 6.50 -2.35
CA ALA A 788 -14.65 5.57 -1.51
C ALA A 788 -15.94 5.16 -2.21
N PHE A 789 -16.61 6.12 -2.86
CA PHE A 789 -17.83 5.80 -3.57
C PHE A 789 -17.56 4.81 -4.71
N ALA A 790 -16.62 5.16 -5.58
CA ALA A 790 -16.39 4.35 -6.78
C ALA A 790 -15.77 2.99 -6.48
N GLY A 791 -14.87 2.95 -5.50
CA GLY A 791 -14.11 1.75 -5.20
C GLY A 791 -14.65 0.91 -4.07
N SER A 792 -15.25 1.55 -3.08
CA SER A 792 -15.72 0.84 -1.89
C SER A 792 -17.23 0.71 -1.79
N ASN A 793 -17.96 1.34 -2.72
CA ASN A 793 -19.40 1.11 -2.85
C ASN A 793 -19.75 0.62 -4.27
N PRO A 794 -19.18 -0.54 -4.67
CA PRO A 794 -19.47 -1.01 -6.02
C PRO A 794 -20.98 -1.20 -6.30
N ALA A 795 -21.78 -1.52 -5.28
CA ALA A 795 -23.23 -1.64 -5.52
C ALA A 795 -23.86 -0.34 -6.04
N ALA A 796 -23.47 0.80 -5.46
CA ALA A 796 -23.95 2.10 -5.93
C ALA A 796 -23.20 2.58 -7.17
N PHE A 797 -21.89 2.37 -7.21
CA PHE A 797 -21.10 2.78 -8.36
C PHE A 797 -21.61 2.08 -9.61
N HIS A 798 -22.03 0.82 -9.44
CA HIS A 798 -22.55 0.00 -10.53
C HIS A 798 -24.09 0.01 -10.61
N ALA A 799 -24.72 1.07 -10.11
CA ALA A 799 -26.18 1.22 -10.28
C ALA A 799 -26.55 0.97 -11.73
N GLU A 800 -27.67 0.28 -11.93
CA GLU A 800 -28.04 -0.19 -13.26
C GLU A 800 -28.27 0.96 -14.26
N ASP A 801 -28.68 2.11 -13.74
CA ASP A 801 -28.93 3.30 -14.59
C ASP A 801 -27.66 3.98 -15.11
N GLY A 802 -26.49 3.55 -14.61
CA GLY A 802 -25.22 4.07 -15.09
C GLY A 802 -24.82 5.40 -14.47
N SER A 803 -25.58 5.84 -13.47
CA SER A 803 -25.33 7.11 -12.80
C SER A 803 -23.97 7.18 -12.12
N GLY A 804 -23.49 6.04 -11.60
CA GLY A 804 -22.18 6.01 -10.96
C GLY A 804 -21.05 6.30 -11.94
N TYR A 805 -21.13 5.69 -13.11
CA TYR A 805 -20.13 5.92 -14.16
C TYR A 805 -20.12 7.37 -14.63
N LEU A 806 -21.30 7.96 -14.80
CA LEU A 806 -21.39 9.34 -15.26
C LEU A 806 -20.79 10.28 -14.24
N PHE A 807 -21.07 10.02 -12.96
CA PHE A 807 -20.48 10.81 -11.88
C PHE A 807 -18.95 10.74 -11.92
N LEU A 808 -18.41 9.53 -12.02
CA LEU A 808 -16.96 9.37 -12.06
C LEU A 808 -16.34 10.09 -13.27
N VAL A 809 -17.02 10.04 -14.42
CA VAL A 809 -16.53 10.76 -15.61
C VAL A 809 -16.41 12.28 -15.36
N GLU A 810 -17.42 12.87 -14.72
CA GLU A 810 -17.36 14.28 -14.34
C GLU A 810 -16.15 14.56 -13.45
N MET A 811 -15.94 13.71 -12.45
CA MET A 811 -14.83 13.93 -11.53
C MET A 811 -13.48 13.76 -12.21
N LEU A 812 -13.37 12.76 -13.07
CA LEU A 812 -12.12 12.51 -13.79
C LEU A 812 -11.80 13.57 -14.85
N THR A 813 -12.86 14.19 -15.39
CA THR A 813 -12.68 15.27 -16.34
C THR A 813 -11.96 16.45 -15.67
N ASP A 814 -12.32 16.72 -14.41
CA ASP A 814 -11.62 17.74 -13.61
C ASP A 814 -10.22 17.25 -13.29
N LEU A 815 -10.13 16.07 -12.69
CA LEU A 815 -8.87 15.62 -12.14
C LEU A 815 -7.82 15.29 -13.20
N ASN A 816 -8.23 14.91 -14.40
CA ASN A 816 -7.26 14.71 -15.46
C ASN A 816 -6.36 15.93 -15.70
N SER A 817 -6.95 17.12 -15.57
CA SER A 817 -6.18 18.35 -15.74
C SER A 817 -5.49 18.79 -14.44
N ARG A 818 -6.21 18.65 -13.34
CA ARG A 818 -5.75 19.13 -12.03
C ARG A 818 -4.62 18.30 -11.44
N ASN A 819 -4.82 16.98 -11.42
CA ASN A 819 -3.92 16.09 -10.70
C ASN A 819 -4.04 14.69 -11.29
N PRO A 820 -3.29 14.45 -12.38
CA PRO A 820 -3.43 13.15 -13.08
C PRO A 820 -3.14 11.92 -12.23
N GLN A 821 -2.23 12.03 -11.25
CA GLN A 821 -1.92 10.87 -10.41
C GLN A 821 -3.15 10.46 -9.60
N VAL A 822 -3.84 11.44 -9.01
CA VAL A 822 -5.04 11.14 -8.24
C VAL A 822 -6.15 10.66 -9.19
N ALA A 823 -6.23 11.27 -10.37
CA ALA A 823 -7.21 10.82 -11.38
C ALA A 823 -7.00 9.34 -11.72
N SER A 824 -5.75 8.94 -11.91
CA SER A 824 -5.47 7.58 -12.30
C SER A 824 -5.78 6.56 -11.19
N ARG A 825 -5.59 6.95 -9.93
CA ARG A 825 -6.03 6.08 -8.83
C ARG A 825 -7.53 5.90 -8.90
N LEU A 826 -8.24 7.00 -9.17
CA LEU A 826 -9.69 7.01 -9.17
C LEU A 826 -10.32 6.27 -10.34
N ILE A 827 -9.63 6.16 -11.46
CA ILE A 827 -10.24 5.51 -12.63
C ILE A 827 -10.31 3.98 -12.49
N GLU A 828 -9.54 3.41 -11.57
CA GLU A 828 -9.39 1.96 -11.47
C GLU A 828 -10.72 1.19 -11.52
N PRO A 829 -11.75 1.61 -10.75
CA PRO A 829 -13.00 0.84 -10.83
C PRO A 829 -13.61 0.70 -12.22
N LEU A 830 -13.37 1.68 -13.09
CA LEU A 830 -13.94 1.64 -14.45
C LEU A 830 -13.22 0.66 -15.34
N ILE A 831 -11.96 0.38 -15.04
CA ILE A 831 -11.19 -0.48 -15.91
C ILE A 831 -11.44 -1.99 -15.67
N ARG A 832 -12.28 -2.28 -14.67
CA ARG A 832 -12.69 -3.66 -14.33
C ARG A 832 -13.94 -4.09 -15.09
N LEU A 833 -14.31 -3.34 -16.14
CA LEU A 833 -15.59 -3.54 -16.83
C LEU A 833 -15.87 -4.98 -17.30
N LYS A 834 -14.84 -5.70 -17.74
CA LYS A 834 -15.08 -7.06 -18.29
C LYS A 834 -15.50 -8.07 -17.23
N ARG A 835 -15.40 -7.69 -15.95
CA ARG A 835 -15.87 -8.54 -14.85
C ARG A 835 -17.39 -8.43 -14.66
N TYR A 836 -18.04 -7.52 -15.39
CA TYR A 836 -19.46 -7.21 -15.20
C TYR A 836 -20.32 -7.67 -16.37
N ASP A 837 -21.63 -7.65 -16.18
CA ASP A 837 -22.56 -8.07 -17.22
C ASP A 837 -22.52 -7.15 -18.44
N ALA A 838 -23.11 -7.60 -19.54
CA ALA A 838 -22.97 -6.90 -20.81
C ALA A 838 -23.52 -5.47 -20.80
N LYS A 839 -24.65 -5.26 -20.14
CA LYS A 839 -25.25 -3.93 -20.09
C LYS A 839 -24.32 -2.97 -19.36
N ARG A 840 -23.76 -3.43 -18.25
CA ARG A 840 -22.78 -2.63 -17.51
C ARG A 840 -21.53 -2.36 -18.35
N GLN A 841 -21.00 -3.38 -19.03
CA GLN A 841 -19.82 -3.18 -19.89
C GLN A 841 -20.04 -2.10 -20.93
N GLU A 842 -21.23 -2.10 -21.53
CA GLU A 842 -21.55 -1.11 -22.54
C GLU A 842 -21.46 0.31 -21.98
N LYS A 843 -22.05 0.53 -20.80
CA LYS A 843 -22.04 1.85 -20.17
C LYS A 843 -20.63 2.23 -19.71
N MET A 844 -19.89 1.27 -19.20
CA MET A 844 -18.52 1.56 -18.75
C MET A 844 -17.60 1.86 -19.94
N ARG A 845 -17.78 1.12 -21.03
CA ARG A 845 -17.04 1.43 -22.26
C ARG A 845 -17.36 2.84 -22.79
N ALA A 846 -18.63 3.22 -22.75
CA ALA A 846 -19.02 4.55 -23.20
C ALA A 846 -18.36 5.64 -22.35
N ALA A 847 -18.29 5.40 -21.04
CA ALA A 847 -17.63 6.34 -20.10
C ALA A 847 -16.15 6.46 -20.44
N LEU A 848 -15.50 5.33 -20.64
CA LEU A 848 -14.09 5.30 -20.99
C LEU A 848 -13.81 5.98 -22.33
N GLU A 849 -14.69 5.75 -23.31
CA GLU A 849 -14.55 6.43 -24.60
C GLU A 849 -14.70 7.95 -24.50
N GLN A 850 -15.58 8.41 -23.60
CA GLN A 850 -15.70 9.84 -23.35
C GLN A 850 -14.39 10.39 -22.79
N LEU A 851 -13.82 9.67 -21.83
CA LEU A 851 -12.56 10.10 -21.24
C LEU A 851 -11.43 10.05 -22.26
N LYS A 852 -11.43 9.03 -23.12
CA LYS A 852 -10.39 8.90 -24.16
C LYS A 852 -10.35 10.12 -25.09
N GLY A 853 -11.48 10.78 -25.27
CA GLY A 853 -11.57 11.94 -26.15
C GLY A 853 -11.26 13.29 -25.52
N LEU A 854 -10.87 13.29 -24.24
CA LEU A 854 -10.59 14.54 -23.53
C LEU A 854 -9.45 15.32 -24.18
N GLU A 855 -9.64 16.64 -24.29
CA GLU A 855 -8.54 17.54 -24.62
C GLU A 855 -7.50 17.38 -23.51
N ASN A 856 -6.23 17.35 -23.89
CA ASN A 856 -5.12 17.26 -22.96
C ASN A 856 -5.26 16.05 -22.04
N LEU A 857 -5.57 14.89 -22.63
CA LEU A 857 -5.65 13.66 -21.85
C LEU A 857 -4.28 13.32 -21.29
N SER A 858 -4.21 13.10 -19.98
CA SER A 858 -2.95 12.78 -19.35
C SER A 858 -2.42 11.41 -19.76
N GLY A 859 -1.11 11.25 -19.77
CA GLY A 859 -0.51 9.92 -20.02
C GLY A 859 -0.99 8.91 -18.99
N ASP A 860 -1.14 9.37 -17.74
CA ASP A 860 -1.60 8.52 -16.65
C ASP A 860 -2.91 7.84 -17.01
N LEU A 861 -3.90 8.62 -17.46
CA LEU A 861 -5.20 8.06 -17.81
C LEU A 861 -5.18 7.34 -19.15
N TYR A 862 -4.43 7.89 -20.10
CA TYR A 862 -4.32 7.27 -21.42
C TYR A 862 -3.91 5.81 -21.32
N GLU A 863 -2.88 5.53 -20.51
CA GLU A 863 -2.39 4.17 -20.39
C GLU A 863 -3.48 3.21 -19.91
N LYS A 864 -4.23 3.62 -18.89
CA LYS A 864 -5.27 2.75 -18.33
C LYS A 864 -6.50 2.65 -19.24
N ILE A 865 -6.90 3.76 -19.85
CA ILE A 865 -8.05 3.79 -20.76
C ILE A 865 -7.79 2.86 -21.95
N THR A 866 -6.61 2.96 -22.54
CA THR A 866 -6.21 2.13 -23.69
CA THR A 866 -6.32 2.13 -23.71
C THR A 866 -6.33 0.65 -23.35
N LYS A 867 -5.73 0.26 -22.23
CA LYS A 867 -5.79 -1.14 -21.83
C LYS A 867 -7.23 -1.59 -21.58
N ALA A 868 -8.05 -0.73 -20.95
CA ALA A 868 -9.44 -1.09 -20.61
C ALA A 868 -10.33 -1.26 -21.83
N LEU A 869 -10.00 -0.51 -22.89
CA LEU A 869 -10.81 -0.50 -24.10
C LEU A 869 -10.32 -1.49 -25.14
N ALA A 870 -9.17 -2.11 -24.89
CA ALA A 870 -8.62 -3.11 -25.80
C ALA A 870 -9.48 -4.37 -25.87
ZN ZN B . 7.84 2.27 -0.15
O2 S23 C . 7.12 5.02 0.61
P S23 C . 6.38 4.90 -0.61
O1 S23 C . 6.51 3.50 -1.00
C1 S23 C . 7.09 5.80 -1.74
N1 S23 C . 8.43 5.35 -2.13
C2 S23 C . 6.35 5.90 -3.08
C3 S23 C . 4.84 5.30 -0.46
C4 S23 C . 3.88 4.34 0.30
C6 S23 C . 3.86 4.60 1.83
C7 S23 C . 2.98 3.58 2.53
C8 S23 C . 3.54 2.37 2.97
C10 S23 C . 2.75 1.42 3.60
C12 S23 C . 1.39 1.66 3.78
C11 S23 C . 0.80 2.85 3.34
C9 S23 C . 1.60 3.83 2.72
C5 S23 C . 2.44 4.37 -0.21
O3 S23 C . 1.77 5.39 -0.21
N2 S23 C . 1.95 3.19 -0.62
C13 S23 C . 0.54 2.98 -0.91
C14 S23 C . 0.07 1.71 -0.26
O4 S23 C . -1.13 1.64 0.11
O5 S23 C . 0.88 0.76 -0.12
C15 S23 C . 0.29 2.88 -2.42
C16 S23 C . 0.66 4.14 -3.16
C17 S23 C . -0.28 5.18 -3.29
C19 S23 C . 0.07 6.35 -3.98
C21 S23 C . 1.34 6.49 -4.55
C20 S23 C . 2.28 5.46 -4.39
C18 S23 C . 1.94 4.28 -3.71
S SO4 D . -9.12 19.92 16.04
O1 SO4 D . -8.27 21.09 15.85
O2 SO4 D . -10.07 20.18 17.12
O3 SO4 D . -8.30 18.77 16.40
O4 SO4 D . -9.85 19.64 14.82
C1 GOL E . 24.19 30.92 -25.37
O1 GOL E . 23.64 31.45 -26.59
C2 GOL E . 23.09 30.84 -24.31
O2 GOL E . 21.97 30.09 -24.78
C3 GOL E . 23.61 30.20 -23.03
O3 GOL E . 22.68 30.49 -21.95
C1 GOL F . 7.40 28.88 -14.89
O1 GOL F . 7.83 29.98 -15.70
C2 GOL F . 7.71 27.56 -15.61
O2 GOL F . 7.29 26.50 -14.75
C3 GOL F . 6.93 27.49 -16.91
O3 GOL F . 7.34 26.32 -17.64
C1 GOL G . 0.79 -5.12 -24.65
O1 GOL G . 1.45 -4.73 -25.86
C2 GOL G . 1.75 -5.94 -23.80
O2 GOL G . 1.19 -6.05 -22.48
C3 GOL G . 1.96 -7.33 -24.39
O3 GOL G . 2.96 -8.00 -23.62
C1 GOL H . -16.19 3.61 25.89
O1 GOL H . -15.14 4.18 25.10
C2 GOL H . -17.03 2.74 24.96
O2 GOL H . -16.30 1.53 24.74
C3 GOL H . -18.38 2.45 25.59
O3 GOL H . -19.19 1.80 24.61
C1 GOL I . -13.12 -2.21 -7.47
O1 GOL I . -14.30 -2.27 -6.66
C2 GOL I . -12.08 -1.31 -6.81
O2 GOL I . -11.59 -1.94 -5.62
C3 GOL I . -10.92 -1.09 -7.78
O3 GOL I . -10.03 -0.12 -7.21
C1 GOL J . 3.15 24.30 -13.68
O1 GOL J . 2.77 24.70 -15.00
C2 GOL J . 4.61 24.69 -13.46
O2 GOL J . 4.75 26.09 -13.78
C3 GOL J . 5.00 24.41 -12.01
O3 GOL J . 6.40 24.67 -11.80
C1 GOL K . 16.83 -5.71 -26.54
O1 GOL K . 17.26 -6.23 -25.29
C2 GOL K . 15.57 -6.45 -26.98
O2 GOL K . 14.97 -5.76 -28.09
C3 GOL K . 15.90 -7.90 -27.33
O3 GOL K . 16.81 -8.03 -28.44
#